data_5AIS
#
_entry.id   5AIS
#
_cell.length_a   124.802
_cell.length_b   124.802
_cell.length_c   106.884
_cell.angle_alpha   90.00
_cell.angle_beta   90.00
_cell.angle_gamma   90.00
#
_symmetry.space_group_name_H-M   'I 41'
#
loop_
_entity.id
_entity.type
_entity.pdbx_description
1 polymer 'HEMATOPOIETIC PROSTAGLANDIN D SYNTHASE'
2 non-polymer 4-(dimethylamino)-N-[5-(1H-indol-4-yl)pyridin-3-yl]butanamide
3 non-polymer GLUTATHIONE
4 non-polymer 'MAGNESIUM ION'
5 water water
#
_entity_poly.entity_id   1
_entity_poly.type   'polypeptide(L)'
_entity_poly.pdbx_seq_one_letter_code
;HPNYKLTYFNMRGRAEIIRYIFAYLDIQYEDHRIEQADWPEIKSTLPFGKIPILEVDGLTLHQSLAIARYLTKNTDLAGN
TEMEQCHVDAIVDTLDDFMSCFPWAEKKQDVKEQMFNELLTYNAPHLMQDLDTYLGGREWLIGNSVTWADFYWEICSTTL
LVFKPDLLDNHPRLVTLRKKVQAIPAVANWIKRRPQTKL
;
_entity_poly.pdbx_strand_id   A,B,C,D
#
loop_
_chem_comp.id
_chem_comp.type
_chem_comp.name
_chem_comp.formula
CWC non-polymer 4-(dimethylamino)-N-[5-(1H-indol-4-yl)pyridin-3-yl]butanamide 'C19 H22 N4 O'
GSH non-polymer GLUTATHIONE 'C10 H17 N3 O6 S'
MG non-polymer 'MAGNESIUM ION' 'Mg 2'
#
# COMPACT_ATOMS: atom_id res chain seq x y z
N PRO A 2 -3.62 -3.28 17.71
CA PRO A 2 -4.52 -2.13 17.84
C PRO A 2 -5.55 -2.29 18.97
N ASN A 3 -6.10 -1.17 19.41
CA ASN A 3 -7.11 -1.16 20.48
C ASN A 3 -8.52 -1.20 19.89
N TYR A 4 -9.13 -2.39 19.91
CA TYR A 4 -10.46 -2.59 19.33
C TYR A 4 -11.57 -2.52 20.39
N LYS A 5 -12.69 -1.91 20.03
CA LYS A 5 -13.88 -1.89 20.89
C LYS A 5 -15.15 -2.11 20.06
N LEU A 6 -15.78 -3.27 20.24
CA LEU A 6 -17.03 -3.63 19.55
C LEU A 6 -18.22 -3.23 20.41
N THR A 7 -19.17 -2.52 19.81
CA THR A 7 -20.39 -2.10 20.51
C THR A 7 -21.62 -2.69 19.81
N TYR A 8 -22.45 -3.40 20.57
CA TYR A 8 -23.68 -4.02 20.06
C TYR A 8 -24.59 -4.38 21.23
N PHE A 9 -25.81 -4.83 20.93
CA PHE A 9 -26.72 -5.33 21.96
C PHE A 9 -26.17 -6.61 22.59
N ASN A 10 -26.73 -7.00 23.74
CA ASN A 10 -26.39 -8.27 24.37
C ASN A 10 -27.08 -9.42 23.63
N MET A 11 -26.50 -9.79 22.49
CA MET A 11 -27.00 -10.88 21.66
C MET A 11 -25.95 -11.20 20.61
N ARG A 12 -26.12 -12.33 19.93
CA ARG A 12 -25.25 -12.70 18.82
C ARG A 12 -25.52 -11.75 17.65
N GLY A 13 -26.71 -11.85 17.06
CA GLY A 13 -27.15 -10.92 16.02
C GLY A 13 -26.15 -10.65 14.91
N ARG A 14 -26.11 -9.41 14.44
CA ARG A 14 -25.21 -8.99 13.37
C ARG A 14 -23.75 -8.88 13.79
N ALA A 15 -23.50 -8.82 15.11
CA ALA A 15 -22.15 -8.66 15.63
C ALA A 15 -21.36 -9.97 15.70
N GLU A 16 -22.06 -11.10 15.73
CA GLU A 16 -21.41 -12.38 16.04
C GLU A 16 -20.32 -12.76 15.03
N ILE A 17 -20.52 -12.43 13.75
CA ILE A 17 -19.50 -12.68 12.73
C ILE A 17 -18.18 -11.99 13.06
N ILE A 18 -18.25 -10.79 13.63
CA ILE A 18 -17.05 -10.05 14.03
C ILE A 18 -16.39 -10.74 15.24
N ARG A 19 -17.21 -11.20 16.17
CA ARG A 19 -16.72 -11.90 17.36
C ARG A 19 -16.02 -13.22 16.99
N TYR A 20 -16.59 -13.96 16.04
CA TYR A 20 -15.96 -15.18 15.53
C TYR A 20 -14.58 -14.91 14.91
N ILE A 21 -14.51 -13.86 14.09
CA ILE A 21 -13.26 -13.51 13.39
C ILE A 21 -12.18 -13.11 14.39
N PHE A 22 -12.53 -12.30 15.38
CA PHE A 22 -11.60 -11.90 16.45
C PHE A 22 -11.01 -13.12 17.15
N ALA A 23 -11.88 -14.07 17.50
CA ALA A 23 -11.47 -15.28 18.22
C ALA A 23 -10.57 -16.17 17.37
N TYR A 24 -10.93 -16.37 16.11
CA TYR A 24 -10.16 -17.22 15.20
C TYR A 24 -8.77 -16.65 14.92
N LEU A 25 -8.70 -15.33 14.70
CA LEU A 25 -7.43 -14.66 14.41
C LEU A 25 -6.61 -14.32 15.66
N ASP A 26 -7.14 -14.66 16.84
CA ASP A 26 -6.47 -14.38 18.11
C ASP A 26 -6.16 -12.88 18.25
N ILE A 27 -7.20 -12.07 18.08
CA ILE A 27 -7.10 -10.62 18.15
C ILE A 27 -7.91 -10.14 19.35
N GLN A 28 -7.28 -9.36 20.23
CA GLN A 28 -7.91 -8.92 21.46
C GLN A 28 -8.81 -7.71 21.20
N TYR A 29 -9.91 -7.63 21.93
CA TYR A 29 -10.88 -6.54 21.78
C TYR A 29 -11.83 -6.46 22.99
N GLU A 30 -12.43 -5.29 23.18
CA GLU A 30 -13.44 -5.09 24.21
C GLU A 30 -14.82 -5.36 23.63
N ASP A 31 -15.50 -6.37 24.18
CA ASP A 31 -16.83 -6.77 23.71
C ASP A 31 -17.90 -6.01 24.50
N HIS A 32 -18.09 -4.75 24.17
CA HIS A 32 -19.04 -3.89 24.87
C HIS A 32 -20.47 -4.20 24.46
N ARG A 33 -21.27 -4.70 25.40
CA ARG A 33 -22.67 -5.00 25.17
C ARG A 33 -23.54 -3.98 25.91
N ILE A 34 -24.52 -3.43 25.21
CA ILE A 34 -25.37 -2.36 25.76
C ILE A 34 -26.81 -2.81 25.98
N GLU A 35 -27.46 -2.19 26.96
CA GLU A 35 -28.90 -2.33 27.17
C GLU A 35 -29.61 -1.25 26.37
N GLN A 36 -30.94 -1.26 26.38
CA GLN A 36 -31.73 -0.25 25.67
C GLN A 36 -31.55 1.16 26.25
N ALA A 37 -31.30 1.25 27.56
CA ALA A 37 -31.18 2.53 28.25
C ALA A 37 -30.08 3.43 27.68
N ASP A 38 -28.92 2.84 27.39
CA ASP A 38 -27.76 3.61 26.91
C ASP A 38 -27.66 3.66 25.38
N TRP A 39 -28.69 3.18 24.68
CA TRP A 39 -28.68 3.15 23.22
C TRP A 39 -28.95 4.54 22.60
N PRO A 40 -29.98 5.27 23.07
CA PRO A 40 -30.23 6.63 22.57
C PRO A 40 -29.03 7.59 22.67
N GLU A 41 -28.26 7.49 23.74
CA GLU A 41 -27.07 8.34 23.95
C GLU A 41 -26.00 8.03 22.91
N ILE A 42 -25.70 6.75 22.73
CA ILE A 42 -24.69 6.31 21.77
C ILE A 42 -25.17 6.54 20.34
N LYS A 43 -26.44 6.22 20.08
CA LYS A 43 -27.06 6.40 18.76
C LYS A 43 -26.86 7.81 18.20
N SER A 44 -26.93 8.81 19.07
CA SER A 44 -26.73 10.20 18.68
C SER A 44 -25.31 10.48 18.20
N THR A 45 -24.33 9.80 18.79
CA THR A 45 -22.93 9.98 18.40
C THR A 45 -22.55 9.21 17.14
N LEU A 46 -23.38 8.24 16.75
CA LEU A 46 -23.12 7.43 15.55
C LEU A 46 -23.54 8.19 14.28
N PRO A 47 -22.62 8.31 13.31
CA PRO A 47 -22.93 8.94 12.02
C PRO A 47 -24.17 8.40 11.32
N PHE A 48 -24.41 7.08 11.41
CA PHE A 48 -25.53 6.44 10.71
C PHE A 48 -26.55 5.76 11.63
N GLY A 49 -26.40 5.94 12.95
CA GLY A 49 -27.40 5.52 13.93
C GLY A 49 -27.72 4.03 14.01
N LYS A 50 -26.75 3.19 13.66
CA LYS A 50 -26.95 1.75 13.69
C LYS A 50 -25.75 1.02 14.29
N ILE A 51 -25.99 -0.18 14.80
CA ILE A 51 -24.92 -1.03 15.34
C ILE A 51 -25.03 -2.43 14.72
N PRO A 52 -23.91 -3.19 14.72
CA PRO A 52 -22.64 -2.96 15.41
C PRO A 52 -21.78 -1.82 14.86
N ILE A 53 -20.91 -1.29 15.72
CA ILE A 53 -19.83 -0.41 15.31
C ILE A 53 -18.53 -0.89 15.94
N LEU A 54 -17.40 -0.60 15.28
CA LEU A 54 -16.08 -0.97 15.79
C LEU A 54 -15.21 0.29 15.88
N GLU A 55 -14.65 0.54 17.06
CA GLU A 55 -13.73 1.65 17.26
C GLU A 55 -12.30 1.11 17.24
N VAL A 56 -11.49 1.66 16.33
CA VAL A 56 -10.10 1.23 16.15
C VAL A 56 -9.18 2.42 16.38
N ASP A 57 -8.53 2.45 17.55
CA ASP A 57 -7.64 3.56 17.92
C ASP A 57 -8.31 4.92 17.73
N GLY A 58 -9.51 5.07 18.26
CA GLY A 58 -10.26 6.33 18.18
C GLY A 58 -11.09 6.52 16.93
N LEU A 59 -10.89 5.66 15.93
CA LEU A 59 -11.56 5.78 14.63
C LEU A 59 -12.72 4.79 14.56
N THR A 60 -13.92 5.30 14.31
CA THR A 60 -15.13 4.48 14.31
C THR A 60 -15.40 3.84 12.94
N LEU A 61 -15.82 2.57 12.96
CA LEU A 61 -16.23 1.85 11.76
C LEU A 61 -17.64 1.30 11.96
N HIS A 62 -18.40 1.23 10.87
CA HIS A 62 -19.76 0.69 10.91
C HIS A 62 -19.98 -0.32 9.78
N GLN A 63 -21.17 -0.92 9.74
CA GLN A 63 -21.52 -1.99 8.81
C GLN A 63 -20.77 -3.29 9.13
N SER A 64 -21.50 -4.26 9.67
CA SER A 64 -20.92 -5.50 10.20
C SER A 64 -20.03 -6.25 9.20
N LEU A 65 -20.47 -6.35 7.96
CA LEU A 65 -19.74 -7.11 6.95
C LEU A 65 -18.54 -6.35 6.39
N ALA A 66 -18.65 -5.02 6.34
CA ALA A 66 -17.51 -4.17 6.01
C ALA A 66 -16.41 -4.34 7.05
N ILE A 67 -16.80 -4.39 8.32
CA ILE A 67 -15.85 -4.60 9.41
C ILE A 67 -15.27 -6.01 9.35
N ALA A 68 -16.13 -7.00 9.13
CA ALA A 68 -15.68 -8.39 9.01
C ALA A 68 -14.61 -8.54 7.92
N ARG A 69 -14.87 -7.96 6.75
CA ARG A 69 -13.95 -8.04 5.62
C ARG A 69 -12.62 -7.32 5.90
N TYR A 70 -12.70 -6.18 6.58
CA TYR A 70 -11.52 -5.43 6.99
C TYR A 70 -10.62 -6.27 7.92
N LEU A 71 -11.23 -6.98 8.85
CA LEU A 71 -10.49 -7.82 9.81
C LEU A 71 -9.88 -9.07 9.17
N THR A 72 -10.48 -9.57 8.10
CA THR A 72 -9.98 -10.76 7.42
C THR A 72 -8.96 -10.45 6.33
N LYS A 73 -8.67 -9.16 6.11
CA LYS A 73 -7.75 -8.71 5.07
C LYS A 73 -6.38 -9.37 5.22
N ASN A 74 -5.88 -9.93 4.12
CA ASN A 74 -4.57 -10.59 4.06
C ASN A 74 -4.44 -11.81 4.97
N THR A 75 -5.55 -12.51 5.19
CA THR A 75 -5.55 -13.79 5.90
C THR A 75 -6.22 -14.84 5.02
N ASP A 76 -6.04 -16.11 5.37
CA ASP A 76 -6.67 -17.20 4.62
C ASP A 76 -8.18 -17.27 4.83
N LEU A 77 -8.67 -16.72 5.94
CA LEU A 77 -10.11 -16.62 6.19
C LEU A 77 -10.87 -15.88 5.08
N ALA A 78 -10.21 -14.88 4.47
CA ALA A 78 -10.84 -14.06 3.44
C ALA A 78 -11.09 -14.83 2.13
N GLY A 79 -10.26 -15.83 1.86
CA GLY A 79 -10.24 -16.51 0.58
C GLY A 79 -8.85 -16.38 -0.01
N ASN A 80 -8.38 -17.42 -0.69
CA ASN A 80 -6.99 -17.47 -1.16
C ASN A 80 -6.73 -16.62 -2.40
N THR A 81 -7.61 -16.70 -3.40
CA THR A 81 -7.51 -15.91 -4.61
C THR A 81 -8.54 -14.78 -4.62
N GLU A 82 -8.38 -13.85 -5.55
CA GLU A 82 -9.35 -12.76 -5.72
C GLU A 82 -10.72 -13.30 -6.13
N MET A 83 -10.72 -14.36 -6.93
CA MET A 83 -11.96 -15.02 -7.35
C MET A 83 -12.66 -15.69 -6.16
N GLU A 84 -11.90 -16.36 -5.30
CA GLU A 84 -12.47 -16.99 -4.11
C GLU A 84 -13.04 -15.96 -3.15
N GLN A 85 -12.34 -14.83 -3.01
CA GLN A 85 -12.82 -13.73 -2.18
C GLN A 85 -14.14 -13.16 -2.70
N CYS A 86 -14.33 -13.18 -4.01
CA CYS A 86 -15.60 -12.81 -4.63
C CYS A 86 -16.71 -13.80 -4.27
N HIS A 87 -16.39 -15.10 -4.33
CA HIS A 87 -17.34 -16.15 -3.94
C HIS A 87 -17.70 -16.02 -2.46
N VAL A 88 -16.71 -15.76 -1.63
CA VAL A 88 -16.92 -15.54 -0.19
C VAL A 88 -17.88 -14.38 0.04
N ASP A 89 -17.58 -13.24 -0.59
CA ASP A 89 -18.43 -12.05 -0.48
C ASP A 89 -19.86 -12.32 -0.96
N ALA A 90 -19.98 -13.08 -2.05
CA ALA A 90 -21.29 -13.38 -2.64
C ALA A 90 -22.15 -14.28 -1.74
N ILE A 91 -21.53 -15.30 -1.15
CA ILE A 91 -22.25 -16.18 -0.22
C ILE A 91 -22.71 -15.40 1.02
N VAL A 92 -21.83 -14.58 1.58
CA VAL A 92 -22.16 -13.81 2.77
C VAL A 92 -23.33 -12.86 2.49
N ASP A 93 -23.27 -12.12 1.39
CA ASP A 93 -24.35 -11.21 1.01
C ASP A 93 -25.67 -11.96 0.76
N THR A 94 -25.59 -13.17 0.21
CA THR A 94 -26.78 -13.99 -0.01
C THR A 94 -27.44 -14.38 1.32
N LEU A 95 -26.63 -14.81 2.27
CA LEU A 95 -27.10 -15.14 3.62
C LEU A 95 -27.65 -13.89 4.33
N ASP A 96 -26.92 -12.78 4.19
CA ASP A 96 -27.30 -11.53 4.84
C ASP A 96 -28.63 -11.00 4.30
N ASP A 97 -28.81 -11.08 2.98
CA ASP A 97 -30.07 -10.69 2.33
C ASP A 97 -31.26 -11.43 2.92
N PHE A 98 -31.11 -12.73 3.12
CA PHE A 98 -32.19 -13.55 3.66
C PHE A 98 -32.50 -13.23 5.11
N MET A 99 -31.45 -13.14 5.94
CA MET A 99 -31.63 -12.83 7.35
C MET A 99 -32.26 -11.44 7.54
N SER A 100 -31.97 -10.52 6.62
CA SER A 100 -32.55 -9.18 6.65
C SER A 100 -34.06 -9.14 6.37
N CYS A 101 -34.60 -10.20 5.76
CA CYS A 101 -36.03 -10.28 5.47
C CYS A 101 -36.91 -10.45 6.71
N PHE A 102 -36.33 -11.01 7.78
CA PHE A 102 -37.08 -11.28 9.00
C PHE A 102 -37.36 -9.98 9.76
N PRO A 103 -38.61 -9.78 10.21
CA PRO A 103 -38.98 -8.57 10.94
C PRO A 103 -38.55 -8.66 12.40
N TRP A 104 -37.26 -8.45 12.66
CA TRP A 104 -36.69 -8.62 13.99
C TRP A 104 -37.23 -7.60 15.01
N ALA A 105 -37.62 -6.42 14.53
CA ALA A 105 -38.07 -5.34 15.41
C ALA A 105 -39.60 -5.14 15.41
N GLU A 106 -40.33 -6.10 14.86
CA GLU A 106 -41.80 -5.98 14.77
C GLU A 106 -42.41 -6.14 16.16
N LYS A 107 -43.23 -5.16 16.55
CA LYS A 107 -43.87 -5.14 17.86
C LYS A 107 -45.18 -5.91 17.91
N LYS A 108 -45.85 -6.06 16.77
CA LYS A 108 -47.07 -6.87 16.69
C LYS A 108 -46.67 -8.35 16.65
N GLN A 109 -46.91 -9.06 17.75
CA GLN A 109 -46.43 -10.44 17.92
C GLN A 109 -47.07 -11.44 16.95
N ASP A 110 -48.35 -11.27 16.65
CA ASP A 110 -49.04 -12.13 15.69
C ASP A 110 -48.52 -11.91 14.26
N VAL A 111 -48.25 -10.65 13.92
CA VAL A 111 -47.66 -10.30 12.62
C VAL A 111 -46.26 -10.90 12.50
N LYS A 112 -45.48 -10.77 13.57
CA LYS A 112 -44.14 -11.34 13.63
C LYS A 112 -44.15 -12.85 13.45
N GLU A 113 -45.05 -13.53 14.17
CA GLU A 113 -45.20 -14.99 14.06
C GLU A 113 -45.52 -15.42 12.63
N GLN A 114 -46.49 -14.75 12.02
CA GLN A 114 -46.93 -15.08 10.66
C GLN A 114 -45.84 -14.86 9.62
N MET A 115 -45.10 -13.75 9.74
CA MET A 115 -44.03 -13.45 8.80
C MET A 115 -42.84 -14.40 8.94
N PHE A 116 -42.50 -14.74 10.18
CA PHE A 116 -41.46 -15.75 10.43
C PHE A 116 -41.82 -17.11 9.84
N ASN A 117 -43.06 -17.55 10.11
N ASN A 117 -43.05 -17.55 10.10
CA ASN A 117 -43.57 -18.82 9.60
CA ASN A 117 -43.54 -18.84 9.59
C ASN A 117 -43.58 -18.86 8.07
C ASN A 117 -43.60 -18.88 8.07
N GLU A 118 -43.96 -17.74 7.45
CA GLU A 118 -43.97 -17.62 5.99
C GLU A 118 -42.56 -17.74 5.41
N LEU A 119 -41.61 -17.04 6.01
CA LEU A 119 -40.21 -17.08 5.57
C LEU A 119 -39.56 -18.44 5.80
N LEU A 120 -39.89 -19.08 6.91
CA LEU A 120 -39.30 -20.36 7.27
C LEU A 120 -39.93 -21.56 6.54
N THR A 121 -41.15 -21.38 6.05
CA THR A 121 -41.87 -22.44 5.33
C THR A 121 -41.52 -22.45 3.84
N TYR A 122 -41.40 -21.28 3.24
CA TYR A 122 -41.22 -21.17 1.79
C TYR A 122 -39.79 -20.77 1.41
N ASN A 123 -39.36 -19.61 1.91
CA ASN A 123 -38.09 -19.03 1.49
C ASN A 123 -36.86 -19.78 2.02
N ALA A 124 -36.89 -20.19 3.28
CA ALA A 124 -35.74 -20.87 3.90
C ALA A 124 -35.40 -22.19 3.21
N PRO A 125 -36.38 -23.10 3.05
CA PRO A 125 -36.11 -24.35 2.32
C PRO A 125 -35.57 -24.16 0.91
N HIS A 126 -36.03 -23.12 0.21
N HIS A 126 -36.04 -23.11 0.22
CA HIS A 126 -35.51 -22.81 -1.12
CA HIS A 126 -35.55 -22.75 -1.10
C HIS A 126 -34.04 -22.43 -1.05
C HIS A 126 -34.06 -22.41 -1.05
N LEU A 127 -33.69 -21.55 -0.12
CA LEU A 127 -32.30 -21.14 0.09
C LEU A 127 -31.41 -22.29 0.53
N MET A 128 -31.93 -23.16 1.40
CA MET A 128 -31.17 -24.32 1.87
C MET A 128 -30.79 -25.25 0.72
N GLN A 129 -31.72 -25.48 -0.21
CA GLN A 129 -31.43 -26.33 -1.37
C GLN A 129 -30.34 -25.71 -2.27
N ASP A 130 -30.37 -24.40 -2.41
CA ASP A 130 -29.34 -23.68 -3.17
C ASP A 130 -27.97 -23.75 -2.48
N LEU A 131 -27.95 -23.53 -1.17
CA LEU A 131 -26.72 -23.62 -0.36
C LEU A 131 -26.13 -25.03 -0.40
N ASP A 132 -27.00 -26.02 -0.28
CA ASP A 132 -26.58 -27.42 -0.22
C ASP A 132 -25.95 -27.86 -1.54
N THR A 133 -26.62 -27.53 -2.65
CA THR A 133 -26.11 -27.89 -3.97
C THR A 133 -24.85 -27.10 -4.34
N TYR A 134 -24.72 -25.89 -3.79
CA TYR A 134 -23.52 -25.07 -4.00
C TYR A 134 -22.32 -25.67 -3.29
N LEU A 135 -22.54 -26.13 -2.06
CA LEU A 135 -21.51 -26.79 -1.27
C LEU A 135 -21.13 -28.13 -1.90
N GLY A 136 -22.13 -28.86 -2.36
CA GLY A 136 -21.93 -30.20 -2.91
C GLY A 136 -21.37 -31.13 -1.85
N GLY A 137 -20.48 -32.02 -2.28
CA GLY A 137 -19.76 -32.91 -1.36
C GLY A 137 -18.40 -32.37 -0.96
N ARG A 138 -18.18 -31.06 -1.17
CA ARG A 138 -16.90 -30.44 -0.84
C ARG A 138 -16.82 -30.16 0.66
N GLU A 139 -15.60 -29.93 1.13
CA GLU A 139 -15.34 -29.76 2.56
C GLU A 139 -15.87 -28.43 3.10
N TRP A 140 -15.54 -27.34 2.41
CA TRP A 140 -15.95 -25.99 2.80
C TRP A 140 -16.70 -25.32 1.65
N LEU A 141 -17.36 -24.20 1.95
CA LEU A 141 -18.16 -23.49 0.95
C LEU A 141 -17.32 -22.98 -0.22
N ILE A 142 -16.16 -22.39 0.09
CA ILE A 142 -15.26 -21.86 -0.94
C ILE A 142 -13.84 -22.41 -0.74
N GLY A 143 -13.25 -22.91 -1.81
CA GLY A 143 -11.85 -23.34 -1.80
C GLY A 143 -11.57 -24.57 -0.96
N ASN A 144 -10.32 -24.73 -0.53
CA ASN A 144 -9.87 -25.92 0.19
C ASN A 144 -9.80 -25.76 1.71
N SER A 145 -10.03 -24.54 2.20
CA SER A 145 -9.95 -24.26 3.63
C SER A 145 -11.12 -23.40 4.10
N VAL A 146 -11.26 -23.27 5.41
CA VAL A 146 -12.34 -22.50 6.01
C VAL A 146 -12.24 -21.01 5.67
N THR A 147 -13.39 -20.40 5.38
CA THR A 147 -13.46 -18.95 5.20
C THR A 147 -14.51 -18.37 6.16
N TRP A 148 -14.58 -17.05 6.23
CA TRP A 148 -15.59 -16.42 7.09
C TRP A 148 -17.01 -16.55 6.53
N ALA A 149 -17.13 -17.03 5.29
CA ALA A 149 -18.43 -17.44 4.74
C ALA A 149 -18.98 -18.69 5.45
N ASP A 150 -18.09 -19.62 5.81
CA ASP A 150 -18.47 -20.79 6.60
C ASP A 150 -18.91 -20.37 8.01
N PHE A 151 -18.13 -19.46 8.61
CA PHE A 151 -18.50 -18.86 9.89
C PHE A 151 -19.90 -18.27 9.81
N TYR A 152 -20.15 -17.50 8.76
CA TYR A 152 -21.42 -16.80 8.63
C TYR A 152 -22.60 -17.76 8.44
N TRP A 153 -22.39 -18.82 7.67
CA TRP A 153 -23.40 -19.87 7.53
C TRP A 153 -23.77 -20.45 8.90
N GLU A 154 -22.76 -20.83 9.67
CA GLU A 154 -22.98 -21.42 11.00
C GLU A 154 -23.74 -20.45 11.92
N ILE A 155 -23.35 -19.18 11.89
CA ILE A 155 -24.00 -18.14 12.71
C ILE A 155 -25.46 -17.95 12.29
N CYS A 156 -25.69 -17.75 11.00
CA CYS A 156 -27.06 -17.54 10.51
C CYS A 156 -27.94 -18.76 10.79
N SER A 157 -27.43 -19.96 10.50
CA SER A 157 -28.20 -21.19 10.71
C SER A 157 -28.51 -21.45 12.19
N THR A 158 -27.62 -21.04 13.09
CA THR A 158 -27.84 -21.18 14.53
C THR A 158 -29.10 -20.40 14.96
N THR A 159 -29.25 -19.18 14.46
CA THR A 159 -30.42 -18.36 14.77
C THR A 159 -31.68 -18.91 14.09
N LEU A 160 -31.55 -19.34 12.83
CA LEU A 160 -32.69 -19.93 12.12
C LEU A 160 -33.21 -21.21 12.79
N LEU A 161 -32.30 -22.00 13.36
CA LEU A 161 -32.68 -23.24 14.06
C LEU A 161 -33.42 -23.02 15.37
N VAL A 162 -33.30 -21.83 15.95
CA VAL A 162 -34.08 -21.46 17.14
C VAL A 162 -35.57 -21.45 16.82
N PHE A 163 -35.91 -20.97 15.63
CA PHE A 163 -37.29 -20.81 15.20
C PHE A 163 -37.84 -22.01 14.41
N LYS A 164 -36.94 -22.70 13.70
CA LYS A 164 -37.31 -23.93 12.99
C LYS A 164 -36.25 -25.00 13.23
N PRO A 165 -36.40 -25.77 14.33
CA PRO A 165 -35.43 -26.81 14.70
C PRO A 165 -35.19 -27.88 13.62
N ASP A 166 -36.20 -28.16 12.80
CA ASP A 166 -36.09 -29.20 11.76
C ASP A 166 -35.67 -28.65 10.39
N LEU A 167 -35.12 -27.43 10.35
CA LEU A 167 -34.76 -26.78 9.09
C LEU A 167 -33.75 -27.57 8.26
N LEU A 168 -32.79 -28.21 8.93
CA LEU A 168 -31.72 -28.92 8.25
C LEU A 168 -31.83 -30.44 8.35
N ASP A 169 -33.01 -30.95 8.67
CA ASP A 169 -33.21 -32.39 8.86
C ASP A 169 -33.13 -33.19 7.55
N ASN A 170 -33.31 -32.52 6.41
CA ASN A 170 -33.09 -33.13 5.10
C ASN A 170 -31.87 -32.55 4.35
N HIS A 171 -30.96 -31.94 5.11
CA HIS A 171 -29.72 -31.39 4.55
C HIS A 171 -28.51 -31.76 5.42
N PRO A 172 -28.17 -33.06 5.47
CA PRO A 172 -27.05 -33.52 6.32
C PRO A 172 -25.70 -32.86 6.00
N ARG A 173 -25.50 -32.46 4.75
CA ARG A 173 -24.25 -31.83 4.34
C ARG A 173 -24.09 -30.43 4.92
N LEU A 174 -25.21 -29.72 5.10
CA LEU A 174 -25.18 -28.40 5.76
C LEU A 174 -25.04 -28.53 7.27
N VAL A 175 -25.59 -29.59 7.85
CA VAL A 175 -25.39 -29.91 9.26
C VAL A 175 -23.91 -30.20 9.50
N THR A 176 -23.32 -31.00 8.62
CA THR A 176 -21.89 -31.32 8.69
C THR A 176 -21.03 -30.06 8.68
N LEU A 177 -21.38 -29.10 7.82
CA LEU A 177 -20.63 -27.85 7.73
C LEU A 177 -20.68 -27.07 9.04
N ARG A 178 -21.86 -27.01 9.66
CA ARG A 178 -22.01 -26.37 10.97
C ARG A 178 -21.07 -27.01 12.00
N LYS A 179 -21.09 -28.34 12.06
CA LYS A 179 -20.28 -29.09 13.01
C LYS A 179 -18.78 -28.85 12.80
N LYS A 180 -18.35 -28.81 11.55
CA LYS A 180 -16.95 -28.52 11.22
C LYS A 180 -16.51 -27.14 11.70
N VAL A 181 -17.35 -26.14 11.50
CA VAL A 181 -17.05 -24.78 11.94
C VAL A 181 -17.01 -24.70 13.48
N GLN A 182 -18.01 -25.29 14.11
CA GLN A 182 -18.09 -25.31 15.58
C GLN A 182 -16.93 -26.04 16.24
N ALA A 183 -16.36 -27.01 15.53
CA ALA A 183 -15.25 -27.82 16.03
C ALA A 183 -13.89 -27.11 15.91
N ILE A 184 -13.82 -26.02 15.14
CA ILE A 184 -12.60 -25.23 15.05
C ILE A 184 -12.26 -24.75 16.47
N PRO A 185 -11.04 -25.06 16.96
CA PRO A 185 -10.70 -24.82 18.37
C PRO A 185 -11.04 -23.44 18.90
N ALA A 186 -10.66 -22.40 18.17
CA ALA A 186 -10.93 -21.01 18.57
C ALA A 186 -12.44 -20.71 18.60
N VAL A 187 -13.17 -21.29 17.65
CA VAL A 187 -14.62 -21.14 17.60
C VAL A 187 -15.28 -21.93 18.73
N ALA A 188 -14.82 -23.17 18.94
CA ALA A 188 -15.33 -24.02 20.01
C ALA A 188 -15.18 -23.35 21.37
N ASN A 189 -14.01 -22.73 21.60
CA ASN A 189 -13.73 -22.00 22.82
C ASN A 189 -14.66 -20.79 23.00
N TRP A 190 -14.86 -20.02 21.93
CA TRP A 190 -15.75 -18.86 21.98
C TRP A 190 -17.20 -19.26 22.27
N ILE A 191 -17.69 -20.28 21.59
CA ILE A 191 -19.08 -20.75 21.76
C ILE A 191 -19.37 -21.15 23.21
N LYS A 192 -18.38 -21.73 23.87
CA LYS A 192 -18.50 -22.09 25.29
C LYS A 192 -18.43 -20.84 26.19
N ARG A 193 -17.52 -19.93 25.86
CA ARG A 193 -17.30 -18.70 26.65
C ARG A 193 -18.46 -17.70 26.56
N ARG A 194 -18.99 -17.50 25.35
CA ARG A 194 -19.90 -16.38 25.09
C ARG A 194 -21.15 -16.40 25.98
N PRO A 195 -21.70 -15.22 26.28
CA PRO A 195 -22.97 -15.12 27.00
C PRO A 195 -24.11 -15.86 26.29
N GLN A 196 -24.93 -16.57 27.06
CA GLN A 196 -26.06 -17.30 26.49
C GLN A 196 -27.21 -16.35 26.23
N THR A 197 -27.61 -16.26 24.97
CA THR A 197 -28.76 -15.46 24.55
C THR A 197 -29.56 -16.20 23.50
N LYS A 198 -30.85 -15.88 23.37
CA LYS A 198 -31.71 -16.50 22.36
C LYS A 198 -31.24 -16.14 20.96
N LEU A 199 -31.13 -14.84 20.68
CA LEU A 199 -30.74 -14.34 19.38
C LEU A 199 -29.29 -13.85 19.37
N PRO B 2 -9.48 -11.89 -20.74
CA PRO B 2 -10.65 -12.47 -20.09
C PRO B 2 -11.97 -11.94 -20.66
N ASN B 3 -12.85 -12.86 -21.03
CA ASN B 3 -14.14 -12.51 -21.64
C ASN B 3 -15.22 -12.32 -20.56
N TYR B 4 -15.91 -11.18 -20.62
CA TYR B 4 -16.93 -10.82 -19.63
C TYR B 4 -18.34 -10.76 -20.25
N LYS B 5 -19.30 -11.39 -19.58
CA LYS B 5 -20.71 -11.30 -19.98
C LYS B 5 -21.59 -10.98 -18.78
N LEU B 6 -22.17 -9.78 -18.78
CA LEU B 6 -23.05 -9.32 -17.71
C LEU B 6 -24.51 -9.54 -18.11
N THR B 7 -25.26 -10.26 -17.28
CA THR B 7 -26.68 -10.50 -17.51
C THR B 7 -27.54 -9.80 -16.46
N TYR B 8 -28.51 -9.02 -16.92
CA TYR B 8 -29.45 -8.31 -16.04
C TYR B 8 -30.67 -7.92 -16.87
N PHE B 9 -31.67 -7.32 -16.23
CA PHE B 9 -32.81 -6.76 -16.94
C PHE B 9 -32.39 -5.51 -17.72
N ASN B 10 -33.26 -5.06 -18.62
CA ASN B 10 -33.01 -3.82 -19.37
C ASN B 10 -33.26 -2.60 -18.49
N MET B 11 -32.38 -2.40 -17.52
CA MET B 11 -32.44 -1.26 -16.61
C MET B 11 -31.04 -0.98 -16.10
N ARG B 12 -30.87 0.18 -15.47
CA ARG B 12 -29.66 0.45 -14.69
C ARG B 12 -29.65 -0.50 -13.48
N GLY B 13 -30.60 -0.28 -12.57
CA GLY B 13 -30.81 -1.15 -11.41
C GLY B 13 -29.54 -1.53 -10.67
N ARG B 14 -29.49 -2.78 -10.20
CA ARG B 14 -28.34 -3.29 -9.45
C ARG B 14 -27.11 -3.54 -10.32
N ALA B 15 -27.27 -3.61 -11.64
CA ALA B 15 -26.15 -3.90 -12.54
C ALA B 15 -25.30 -2.67 -12.89
N GLU B 16 -25.87 -1.48 -12.70
CA GLU B 16 -25.24 -0.26 -13.22
C GLU B 16 -23.87 0.03 -12.61
N ILE B 17 -23.70 -0.28 -11.32
CA ILE B 17 -22.38 -0.12 -10.67
C ILE B 17 -21.30 -0.89 -11.43
N ILE B 18 -21.64 -2.10 -11.88
CA ILE B 18 -20.74 -2.92 -12.66
C ILE B 18 -20.46 -2.28 -14.02
N ARG B 19 -21.51 -1.72 -14.63
CA ARG B 19 -21.38 -1.04 -15.93
C ARG B 19 -20.47 0.19 -15.85
N TYR B 20 -20.60 0.96 -14.76
CA TYR B 20 -19.72 2.11 -14.50
C TYR B 20 -18.26 1.68 -14.38
N ILE B 21 -18.04 0.60 -13.63
CA ILE B 21 -16.69 0.10 -13.36
C ILE B 21 -16.00 -0.39 -14.63
N PHE B 22 -16.72 -1.16 -15.45
CA PHE B 22 -16.19 -1.60 -16.75
C PHE B 22 -15.81 -0.41 -17.62
N ALA B 23 -16.66 0.63 -17.61
CA ALA B 23 -16.42 1.84 -18.38
C ALA B 23 -15.17 2.58 -17.90
N TYR B 24 -15.06 2.77 -16.59
CA TYR B 24 -13.92 3.47 -16.00
C TYR B 24 -12.60 2.75 -16.26
N LEU B 25 -12.61 1.43 -16.13
CA LEU B 25 -11.41 0.62 -16.34
C LEU B 25 -11.17 0.28 -17.82
N ASP B 26 -12.08 0.72 -18.69
CA ASP B 26 -11.98 0.52 -20.14
C ASP B 26 -11.92 -0.96 -20.50
N ILE B 27 -12.78 -1.75 -19.87
CA ILE B 27 -12.85 -3.18 -20.09
C ILE B 27 -14.05 -3.49 -20.97
N GLN B 28 -13.82 -4.21 -22.07
CA GLN B 28 -14.89 -4.60 -22.96
C GLN B 28 -15.66 -5.76 -22.35
N TYR B 29 -16.99 -5.74 -22.52
CA TYR B 29 -17.85 -6.80 -22.00
C TYR B 29 -19.14 -6.88 -22.80
N GLU B 30 -19.79 -8.04 -22.76
CA GLU B 30 -21.12 -8.18 -23.34
C GLU B 30 -22.16 -7.74 -22.33
N ASP B 31 -22.94 -6.73 -22.71
CA ASP B 31 -24.00 -6.18 -21.85
C ASP B 31 -25.33 -6.84 -22.22
N HIS B 32 -25.56 -8.02 -21.65
CA HIS B 32 -26.74 -8.84 -21.98
C HIS B 32 -27.95 -8.40 -21.17
N ARG B 33 -28.96 -7.87 -21.86
CA ARG B 33 -30.19 -7.39 -21.23
C ARG B 33 -31.36 -8.28 -21.63
N ILE B 34 -32.08 -8.81 -20.64
CA ILE B 34 -33.16 -9.78 -20.89
C ILE B 34 -34.54 -9.23 -20.55
N GLU B 35 -35.56 -9.75 -21.21
CA GLU B 35 -36.96 -9.49 -20.85
C GLU B 35 -37.40 -10.47 -19.79
N GLN B 36 -38.49 -10.14 -19.09
CA GLN B 36 -39.06 -11.02 -18.07
C GLN B 36 -39.49 -12.37 -18.63
N ALA B 37 -39.92 -12.39 -19.89
CA ALA B 37 -40.31 -13.63 -20.55
C ALA B 37 -39.16 -14.63 -20.70
N ASP B 38 -37.93 -14.12 -20.78
CA ASP B 38 -36.74 -14.95 -20.93
C ASP B 38 -36.15 -15.38 -19.57
N TRP B 39 -36.59 -14.73 -18.50
CA TRP B 39 -35.93 -14.83 -17.20
C TRP B 39 -36.05 -16.19 -16.48
N PRO B 40 -37.29 -16.70 -16.30
CA PRO B 40 -37.47 -18.01 -15.66
C PRO B 40 -36.59 -19.14 -16.21
N GLU B 41 -36.36 -19.14 -17.51
CA GLU B 41 -35.54 -20.17 -18.17
C GLU B 41 -34.06 -20.04 -17.79
N ILE B 42 -33.61 -18.82 -17.55
CA ILE B 42 -32.24 -18.55 -17.10
C ILE B 42 -32.16 -18.77 -15.58
N LYS B 43 -33.14 -18.26 -14.86
CA LYS B 43 -33.23 -18.37 -13.40
C LYS B 43 -33.05 -19.80 -12.90
N SER B 44 -33.70 -20.74 -13.57
CA SER B 44 -33.68 -22.16 -13.17
C SER B 44 -32.30 -22.80 -13.28
N THR B 45 -31.42 -22.24 -14.10
CA THR B 45 -30.07 -22.77 -14.28
C THR B 45 -29.04 -22.16 -13.32
N LEU B 46 -29.41 -21.09 -12.63
CA LEU B 46 -28.47 -20.37 -11.77
C LEU B 46 -28.41 -20.94 -10.36
N PRO B 47 -27.20 -21.02 -9.77
CA PRO B 47 -27.01 -21.48 -8.39
C PRO B 47 -27.95 -20.83 -7.36
N PHE B 48 -28.13 -19.51 -7.45
CA PHE B 48 -28.98 -18.79 -6.50
C PHE B 48 -30.15 -18.01 -7.12
N GLY B 49 -30.34 -18.14 -8.43
CA GLY B 49 -31.56 -17.67 -9.11
C GLY B 49 -31.81 -16.17 -9.07
N LYS B 50 -30.76 -15.38 -8.99
CA LYS B 50 -30.86 -13.92 -8.92
C LYS B 50 -29.91 -13.26 -9.92
N ILE B 51 -30.24 -12.03 -10.34
CA ILE B 51 -29.36 -11.24 -11.20
C ILE B 51 -29.16 -9.85 -10.59
N PRO B 52 -28.04 -9.17 -10.92
CA PRO B 52 -27.05 -9.47 -11.97
C PRO B 52 -26.13 -10.67 -11.71
N ILE B 53 -25.71 -11.32 -12.80
CA ILE B 53 -24.64 -12.31 -12.76
C ILE B 53 -23.57 -11.88 -13.77
N LEU B 54 -22.32 -12.24 -13.48
CA LEU B 54 -21.21 -11.96 -14.37
C LEU B 54 -20.44 -13.24 -14.69
N GLU B 55 -20.44 -13.63 -15.97
CA GLU B 55 -19.71 -14.80 -16.41
C GLU B 55 -18.31 -14.41 -16.85
N VAL B 56 -17.30 -15.00 -16.19
CA VAL B 56 -15.89 -14.71 -16.45
C VAL B 56 -15.15 -16.01 -16.75
N ASP B 57 -14.80 -16.21 -18.03
CA ASP B 57 -14.11 -17.42 -18.47
C ASP B 57 -14.85 -18.71 -18.09
N GLY B 58 -16.16 -18.72 -18.33
CA GLY B 58 -17.00 -19.88 -18.02
C GLY B 58 -17.23 -20.09 -16.53
N LEU B 59 -17.20 -19.00 -15.77
CA LEU B 59 -17.35 -19.03 -14.32
C LEU B 59 -18.34 -17.95 -13.91
N THR B 60 -19.52 -18.35 -13.43
CA THR B 60 -20.63 -17.42 -13.18
C THR B 60 -20.59 -16.81 -11.77
N LEU B 61 -20.28 -15.52 -11.71
CA LEU B 61 -20.30 -14.78 -10.45
C LEU B 61 -21.69 -14.19 -10.21
N HIS B 62 -22.04 -13.99 -8.94
CA HIS B 62 -23.32 -13.37 -8.57
C HIS B 62 -23.11 -12.36 -7.44
N GLN B 63 -24.18 -11.66 -7.08
CA GLN B 63 -24.16 -10.56 -6.10
C GLN B 63 -23.41 -9.33 -6.63
N SER B 64 -24.16 -8.27 -6.93
CA SER B 64 -23.63 -7.09 -7.60
C SER B 64 -22.41 -6.46 -6.91
N LEU B 65 -22.47 -6.34 -5.59
CA LEU B 65 -21.41 -5.67 -4.84
C LEU B 65 -20.18 -6.55 -4.64
N ALA B 66 -20.38 -7.86 -4.57
CA ALA B 66 -19.27 -8.80 -4.58
C ALA B 66 -18.53 -8.70 -5.92
N ILE B 67 -19.29 -8.60 -7.01
CA ILE B 67 -18.72 -8.45 -8.34
C ILE B 67 -18.01 -7.10 -8.50
N ALA B 68 -18.66 -6.03 -8.06
CA ALA B 68 -18.06 -4.68 -8.11
C ALA B 68 -16.73 -4.64 -7.35
N ARG B 69 -16.72 -5.22 -6.16
CA ARG B 69 -15.51 -5.28 -5.33
C ARG B 69 -14.40 -6.08 -6.02
N TYR B 70 -14.76 -7.22 -6.58
CA TYR B 70 -13.82 -8.06 -7.32
C TYR B 70 -13.16 -7.29 -8.46
N LEU B 71 -13.97 -6.58 -9.25
CA LEU B 71 -13.48 -5.84 -10.42
C LEU B 71 -12.61 -4.63 -10.06
N THR B 72 -12.89 -3.99 -8.93
CA THR B 72 -12.15 -2.79 -8.49
C THR B 72 -10.93 -3.12 -7.65
N LYS B 73 -10.74 -4.40 -7.32
CA LYS B 73 -9.62 -4.81 -6.47
C LYS B 73 -8.28 -4.55 -7.16
N ASN B 74 -7.34 -3.98 -6.42
CA ASN B 74 -6.05 -3.57 -6.97
C ASN B 74 -6.18 -2.56 -8.13
N THR B 75 -7.16 -1.69 -8.02
CA THR B 75 -7.33 -0.57 -8.96
C THR B 75 -7.50 0.72 -8.16
N ASP B 76 -7.48 1.85 -8.85
CA ASP B 76 -7.59 3.16 -8.19
C ASP B 76 -9.02 3.46 -7.71
N LEU B 77 -9.99 2.64 -8.10
CA LEU B 77 -11.38 2.77 -7.60
C LEU B 77 -11.55 2.20 -6.20
N ALA B 78 -10.62 1.35 -5.78
CA ALA B 78 -10.62 0.81 -4.41
C ALA B 78 -10.10 1.88 -3.45
N GLY B 79 -10.19 1.59 -2.15
CA GLY B 79 -9.59 2.46 -1.14
C GLY B 79 -8.07 2.49 -1.25
N ASN B 80 -7.47 3.61 -0.88
CA ASN B 80 -6.03 3.77 -0.93
C ASN B 80 -5.31 3.25 0.32
N THR B 81 -6.09 2.91 1.35
CA THR B 81 -5.58 2.22 2.54
C THR B 81 -6.57 1.14 2.95
N GLU B 82 -6.16 0.27 3.85
CA GLU B 82 -7.03 -0.79 4.35
C GLU B 82 -8.27 -0.21 5.04
N MET B 83 -8.08 0.88 5.78
CA MET B 83 -9.19 1.55 6.46
C MET B 83 -10.14 2.23 5.47
N GLU B 84 -9.60 2.86 4.43
CA GLU B 84 -10.43 3.48 3.39
C GLU B 84 -11.27 2.43 2.66
N GLN B 85 -10.70 1.25 2.42
CA GLN B 85 -11.44 0.15 1.81
C GLN B 85 -12.64 -0.25 2.68
N CYS B 86 -12.46 -0.19 4.00
CA CYS B 86 -13.55 -0.47 4.94
C CYS B 86 -14.64 0.60 4.86
N HIS B 87 -14.22 1.85 4.80
CA HIS B 87 -15.16 2.98 4.65
C HIS B 87 -15.93 2.91 3.34
N VAL B 88 -15.25 2.50 2.26
CA VAL B 88 -15.90 2.32 0.96
C VAL B 88 -17.00 1.27 1.07
N ASP B 89 -16.66 0.11 1.62
CA ASP B 89 -17.63 -0.99 1.79
C ASP B 89 -18.80 -0.59 2.66
N ALA B 90 -18.53 0.20 3.70
CA ALA B 90 -19.57 0.62 4.65
C ALA B 90 -20.57 1.59 4.03
N ILE B 91 -20.07 2.56 3.27
CA ILE B 91 -20.95 3.52 2.61
C ILE B 91 -21.80 2.85 1.54
N VAL B 92 -21.19 1.97 0.74
CA VAL B 92 -21.92 1.22 -0.28
C VAL B 92 -23.03 0.37 0.34
N ASP B 93 -22.72 -0.33 1.43
CA ASP B 93 -23.72 -1.15 2.12
C ASP B 93 -24.85 -0.31 2.71
N THR B 94 -24.52 0.87 3.24
CA THR B 94 -25.53 1.78 3.77
C THR B 94 -26.49 2.22 2.66
N LEU B 95 -25.94 2.58 1.50
CA LEU B 95 -26.76 2.92 0.33
C LEU B 95 -27.56 1.72 -0.16
N ASP B 96 -26.89 0.57 -0.25
CA ASP B 96 -27.54 -0.64 -0.74
C ASP B 96 -28.67 -1.10 0.18
N ASP B 97 -28.45 -0.98 1.49
CA ASP B 97 -29.48 -1.28 2.50
C ASP B 97 -30.77 -0.50 2.23
N PHE B 98 -30.63 0.79 1.96
CA PHE B 98 -31.80 1.65 1.72
C PHE B 98 -32.50 1.31 0.40
N MET B 99 -31.73 1.21 -0.68
CA MET B 99 -32.31 0.90 -1.99
C MET B 99 -33.03 -0.46 -1.98
N SER B 100 -32.53 -1.39 -1.16
CA SER B 100 -33.12 -2.73 -1.05
C SER B 100 -34.47 -2.75 -0.33
N CYS B 101 -34.79 -1.70 0.41
CA CYS B 101 -36.07 -1.60 1.10
C CYS B 101 -37.25 -1.38 0.16
N PHE B 102 -36.99 -0.82 -1.02
CA PHE B 102 -38.04 -0.54 -1.99
C PHE B 102 -38.59 -1.83 -2.60
N PRO B 103 -39.92 -1.98 -2.65
CA PRO B 103 -40.52 -3.18 -3.23
C PRO B 103 -40.53 -3.10 -4.76
N TRP B 104 -39.36 -3.28 -5.37
CA TRP B 104 -39.20 -3.14 -6.82
C TRP B 104 -40.03 -4.17 -7.59
N ALA B 105 -40.21 -5.36 -7.00
CA ALA B 105 -40.91 -6.46 -7.67
C ALA B 105 -42.38 -6.62 -7.28
N GLU B 106 -42.94 -5.64 -6.55
CA GLU B 106 -44.33 -5.72 -6.10
C GLU B 106 -45.31 -5.54 -7.27
N LYS B 107 -46.24 -6.47 -7.41
CA LYS B 107 -47.21 -6.46 -8.52
C LYS B 107 -48.46 -5.63 -8.21
N LYS B 108 -48.82 -5.53 -6.93
CA LYS B 108 -49.96 -4.71 -6.51
C LYS B 108 -49.56 -3.24 -6.46
N GLN B 109 -50.12 -2.44 -7.36
CA GLN B 109 -49.69 -1.05 -7.55
C GLN B 109 -49.94 -0.15 -6.33
N ASP B 110 -51.10 -0.29 -5.70
CA ASP B 110 -51.45 0.53 -4.54
C ASP B 110 -50.52 0.27 -3.35
N VAL B 111 -50.14 -0.99 -3.14
CA VAL B 111 -49.21 -1.36 -2.08
C VAL B 111 -47.79 -0.87 -2.42
N LYS B 112 -47.47 -0.90 -3.71
CA LYS B 112 -46.15 -0.45 -4.19
C LYS B 112 -45.99 1.05 -4.00
N GLU B 113 -46.97 1.82 -4.48
CA GLU B 113 -46.94 3.28 -4.36
C GLU B 113 -46.87 3.73 -2.90
N GLN B 114 -47.62 3.06 -2.04
CA GLN B 114 -47.61 3.33 -0.60
C GLN B 114 -46.20 3.25 -0.04
N MET B 115 -45.54 2.11 -0.27
CA MET B 115 -44.19 1.86 0.25
C MET B 115 -43.15 2.84 -0.29
N PHE B 116 -43.19 3.11 -1.60
CA PHE B 116 -42.29 4.09 -2.21
C PHE B 116 -42.45 5.46 -1.55
N ASN B 117 -43.69 5.91 -1.38
N ASN B 117 -43.70 5.90 -1.38
CA ASN B 117 -43.97 7.20 -0.77
CA ASN B 117 -44.00 7.19 -0.76
C ASN B 117 -43.51 7.28 0.69
C ASN B 117 -43.50 7.27 0.68
N GLU B 118 -43.70 6.19 1.44
CA GLU B 118 -43.24 6.14 2.84
C GLU B 118 -41.71 6.23 2.94
N LEU B 119 -41.02 5.40 2.16
CA LEU B 119 -39.55 5.39 2.17
C LEU B 119 -38.96 6.72 1.71
N LEU B 120 -39.53 7.28 0.65
CA LEU B 120 -39.03 8.54 0.07
C LEU B 120 -39.32 9.76 0.95
N THR B 121 -40.49 9.77 1.60
CA THR B 121 -40.89 10.91 2.42
C THR B 121 -40.30 10.84 3.83
N TYR B 122 -40.30 9.66 4.45
CA TYR B 122 -39.92 9.53 5.86
C TYR B 122 -38.44 9.17 6.05
N ASN B 123 -37.94 8.23 5.25
CA ASN B 123 -36.59 7.67 5.47
C ASN B 123 -35.49 8.36 4.67
N ALA B 124 -35.75 8.60 3.39
CA ALA B 124 -34.73 9.14 2.47
C ALA B 124 -34.08 10.44 2.97
N PRO B 125 -34.88 11.40 3.48
CA PRO B 125 -34.28 12.66 3.95
C PRO B 125 -33.23 12.50 5.05
N HIS B 126 -33.43 11.52 5.93
CA HIS B 126 -32.46 11.25 7.00
C HIS B 126 -31.16 10.63 6.48
N LEU B 127 -31.26 9.77 5.47
CA LEU B 127 -30.08 9.24 4.81
C LEU B 127 -29.27 10.36 4.16
N MET B 128 -29.97 11.31 3.52
CA MET B 128 -29.30 12.46 2.91
C MET B 128 -28.56 13.28 3.96
N GLN B 129 -29.20 13.49 5.10
N GLN B 129 -29.19 13.51 5.11
CA GLN B 129 -28.59 14.23 6.21
CA GLN B 129 -28.57 14.25 6.21
C GLN B 129 -27.32 13.54 6.71
C GLN B 129 -27.31 13.54 6.70
N ASP B 130 -27.40 12.22 6.87
CA ASP B 130 -26.24 11.43 7.31
C ASP B 130 -25.10 11.44 6.29
N LEU B 131 -25.45 11.27 5.02
CA LEU B 131 -24.48 11.34 3.91
C LEU B 131 -23.81 12.71 3.82
N ASP B 132 -24.61 13.76 3.95
CA ASP B 132 -24.12 15.13 3.83
C ASP B 132 -23.14 15.46 4.96
N THR B 133 -23.48 15.05 6.18
CA THR B 133 -22.58 15.23 7.32
C THR B 133 -21.32 14.38 7.17
N TYR B 134 -21.48 13.15 6.69
CA TYR B 134 -20.35 12.25 6.49
C TYR B 134 -19.34 12.80 5.49
N LEU B 135 -19.85 13.34 4.37
CA LEU B 135 -19.00 13.92 3.34
C LEU B 135 -18.27 15.16 3.88
N GLY B 136 -18.99 15.97 4.65
CA GLY B 136 -18.44 17.21 5.19
C GLY B 136 -18.17 18.19 4.06
N GLY B 137 -16.96 18.75 4.04
CA GLY B 137 -16.53 19.60 2.94
C GLY B 137 -15.41 18.97 2.13
N ARG B 138 -15.39 17.64 2.09
CA ARG B 138 -14.36 16.91 1.38
C ARG B 138 -14.75 16.69 -0.08
N GLU B 139 -13.77 16.38 -0.92
CA GLU B 139 -13.97 16.28 -2.37
C GLU B 139 -14.69 15.00 -2.78
N TRP B 140 -14.33 13.89 -2.14
CA TRP B 140 -14.96 12.59 -2.40
C TRP B 140 -15.41 11.98 -1.07
N LEU B 141 -16.27 10.95 -1.16
CA LEU B 141 -16.80 10.30 0.05
C LEU B 141 -15.70 9.67 0.92
N ILE B 142 -14.72 9.05 0.27
CA ILE B 142 -13.59 8.44 0.97
C ILE B 142 -12.28 8.89 0.36
N GLY B 143 -11.37 9.36 1.21
CA GLY B 143 -10.00 9.70 0.79
C GLY B 143 -9.91 10.95 -0.06
N ASN B 144 -8.83 11.03 -0.85
CA ASN B 144 -8.54 12.21 -1.66
C ASN B 144 -8.80 12.01 -3.16
N SER B 145 -9.31 10.84 -3.53
CA SER B 145 -9.61 10.54 -4.93
C SER B 145 -10.89 9.71 -5.05
N VAL B 146 -11.40 9.61 -6.28
CA VAL B 146 -12.65 8.92 -6.55
C VAL B 146 -12.56 7.43 -6.23
N THR B 147 -13.62 6.89 -5.65
CA THR B 147 -13.76 5.45 -5.42
C THR B 147 -15.09 5.00 -6.00
N TRP B 148 -15.31 3.68 -6.03
CA TRP B 148 -16.59 3.16 -6.52
C TRP B 148 -17.75 3.45 -5.56
N ALA B 149 -17.46 3.91 -4.36
CA ALA B 149 -18.49 4.43 -3.44
C ALA B 149 -19.13 5.71 -3.99
N ASP B 150 -18.33 6.56 -4.62
CA ASP B 150 -18.84 7.77 -5.27
C ASP B 150 -19.69 7.42 -6.48
N PHE B 151 -19.23 6.43 -7.25
CA PHE B 151 -20.02 5.86 -8.36
C PHE B 151 -21.38 5.39 -7.84
N TYR B 152 -21.35 4.62 -6.76
CA TYR B 152 -22.58 4.04 -6.21
C TYR B 152 -23.53 5.10 -5.70
N TRP B 153 -23.00 6.16 -5.08
CA TRP B 153 -23.81 7.29 -4.65
C TRP B 153 -24.53 7.93 -5.85
N GLU B 154 -23.77 8.19 -6.90
CA GLU B 154 -24.30 8.80 -8.11
C GLU B 154 -25.43 7.95 -8.72
N ILE B 155 -25.22 6.63 -8.73
CA ILE B 155 -26.19 5.69 -9.29
C ILE B 155 -27.46 5.61 -8.46
N CYS B 156 -27.30 5.47 -7.14
CA CYS B 156 -28.45 5.41 -6.24
C CYS B 156 -29.26 6.71 -6.26
N SER B 157 -28.57 7.84 -6.20
CA SER B 157 -29.23 9.15 -6.19
C SER B 157 -30.01 9.42 -7.47
N THR B 158 -29.44 9.00 -8.60
CA THR B 158 -30.12 9.15 -9.90
C THR B 158 -31.50 8.47 -9.89
N THR B 159 -31.58 7.26 -9.37
CA THR B 159 -32.84 6.53 -9.29
C THR B 159 -33.80 7.16 -8.27
N LEU B 160 -33.28 7.59 -7.12
CA LEU B 160 -34.11 8.22 -6.11
C LEU B 160 -34.73 9.53 -6.63
N LEU B 161 -33.95 10.30 -7.38
CA LEU B 161 -34.41 11.57 -7.94
C LEU B 161 -35.54 11.41 -8.96
N VAL B 162 -35.62 10.24 -9.60
CA VAL B 162 -36.73 9.95 -10.52
C VAL B 162 -38.07 10.04 -9.80
N PHE B 163 -38.13 9.51 -8.58
CA PHE B 163 -39.37 9.47 -7.81
C PHE B 163 -39.56 10.69 -6.90
N LYS B 164 -38.45 11.26 -6.43
CA LYS B 164 -38.48 12.44 -5.55
C LYS B 164 -37.44 13.45 -6.05
N PRO B 165 -37.83 14.28 -7.04
CA PRO B 165 -36.92 15.26 -7.65
C PRO B 165 -36.32 16.30 -6.69
N ASP B 166 -36.99 16.59 -5.58
CA ASP B 166 -36.52 17.61 -4.63
C ASP B 166 -35.64 17.05 -3.50
N LEU B 167 -35.14 15.83 -3.67
CA LEU B 167 -34.40 15.13 -2.61
C LEU B 167 -33.16 15.88 -2.13
N LEU B 168 -32.43 16.47 -3.06
CA LEU B 168 -31.15 17.13 -2.73
C LEU B 168 -31.20 18.66 -2.78
N ASP B 169 -32.41 19.23 -2.69
CA ASP B 169 -32.58 20.70 -2.71
C ASP B 169 -31.81 21.39 -1.59
N ASN B 170 -31.77 20.77 -0.42
CA ASN B 170 -31.06 21.33 0.74
C ASN B 170 -29.71 20.66 0.98
N HIS B 171 -29.16 20.05 -0.06
CA HIS B 171 -27.88 19.33 0.03
C HIS B 171 -27.02 19.63 -1.21
N PRO B 172 -26.59 20.89 -1.36
CA PRO B 172 -25.78 21.29 -2.52
C PRO B 172 -24.46 20.53 -2.66
N ARG B 173 -23.87 20.13 -1.53
CA ARG B 173 -22.60 19.39 -1.55
C ARG B 173 -22.75 17.98 -2.13
N LEU B 174 -23.91 17.37 -1.90
CA LEU B 174 -24.21 16.06 -2.49
C LEU B 174 -24.53 16.18 -3.99
N VAL B 175 -25.07 17.33 -4.39
CA VAL B 175 -25.30 17.63 -5.80
C VAL B 175 -23.96 17.83 -6.51
N THR B 176 -23.03 18.52 -5.84
CA THR B 176 -21.70 18.74 -6.37
C THR B 176 -20.95 17.43 -6.58
N LEU B 177 -21.09 16.49 -5.64
CA LEU B 177 -20.46 15.19 -5.74
C LEU B 177 -21.00 14.40 -6.94
N ARG B 178 -22.31 14.44 -7.12
CA ARG B 178 -22.95 13.81 -8.30
C ARG B 178 -22.36 14.34 -9.60
N LYS B 179 -22.29 15.67 -9.71
CA LYS B 179 -21.80 16.31 -10.93
C LYS B 179 -20.32 16.02 -11.22
N LYS B 180 -19.52 15.84 -10.17
CA LYS B 180 -18.11 15.48 -10.34
C LYS B 180 -17.95 14.05 -10.87
N VAL B 181 -18.75 13.13 -10.35
CA VAL B 181 -18.75 11.75 -10.84
C VAL B 181 -19.18 11.73 -12.31
N GLN B 182 -20.22 12.50 -12.61
CA GLN B 182 -20.74 12.61 -13.98
C GLN B 182 -19.78 13.32 -14.94
N ALA B 183 -18.82 14.07 -14.39
CA ALA B 183 -17.82 14.79 -15.18
C ALA B 183 -16.61 13.93 -15.55
N ILE B 184 -16.41 12.81 -14.87
CA ILE B 184 -15.32 11.89 -15.19
C ILE B 184 -15.55 11.35 -16.61
N PRO B 185 -14.56 11.54 -17.52
CA PRO B 185 -14.70 11.22 -18.94
C PRO B 185 -15.33 9.86 -19.27
N ALA B 186 -14.79 8.79 -18.69
CA ALA B 186 -15.30 7.44 -18.92
C ALA B 186 -16.76 7.29 -18.48
N VAL B 187 -17.11 7.93 -17.37
CA VAL B 187 -18.47 7.90 -16.83
C VAL B 187 -19.40 8.76 -17.70
N ALA B 188 -18.95 9.95 -18.07
CA ALA B 188 -19.72 10.85 -18.93
C ALA B 188 -20.07 10.18 -20.26
N ASN B 189 -19.07 9.52 -20.86
CA ASN B 189 -19.26 8.80 -22.12
C ASN B 189 -20.33 7.71 -22.00
N TRP B 190 -20.24 6.91 -20.94
CA TRP B 190 -21.22 5.85 -20.70
C TRP B 190 -22.63 6.41 -20.46
N ILE B 191 -22.72 7.48 -19.67
CA ILE B 191 -24.00 8.12 -19.38
C ILE B 191 -24.69 8.57 -20.68
N LYS B 192 -23.92 9.11 -21.61
CA LYS B 192 -24.51 9.58 -22.87
C LYS B 192 -24.95 8.44 -23.78
N ARG B 193 -24.16 7.35 -23.84
CA ARG B 193 -24.42 6.27 -24.81
C ARG B 193 -25.31 5.14 -24.30
N ARG B 194 -25.44 4.98 -22.98
CA ARG B 194 -26.21 3.87 -22.41
C ARG B 194 -27.68 3.92 -22.80
N PRO B 195 -28.37 2.77 -22.80
CA PRO B 195 -29.81 2.77 -23.01
C PRO B 195 -30.54 3.62 -21.97
N GLN B 196 -31.41 4.51 -22.43
CA GLN B 196 -32.13 5.42 -21.55
C GLN B 196 -33.42 4.78 -21.06
N THR B 197 -33.39 4.30 -19.82
CA THR B 197 -34.55 3.69 -19.18
C THR B 197 -34.92 4.47 -17.93
N LYS B 198 -36.12 4.24 -17.41
CA LYS B 198 -36.58 4.92 -16.19
C LYS B 198 -35.74 4.50 -14.99
N LEU B 199 -35.57 3.19 -14.82
CA LEU B 199 -34.82 2.62 -13.71
C LEU B 199 -33.50 2.03 -14.18
N PRO C 2 0.71 11.60 7.86
CA PRO C 2 1.03 12.84 7.16
C PRO C 2 0.56 12.86 5.71
N ASN C 3 0.59 14.04 5.10
CA ASN C 3 0.19 14.21 3.71
C ASN C 3 1.39 14.07 2.77
N TYR C 4 1.52 12.90 2.14
CA TYR C 4 2.66 12.59 1.29
C TYR C 4 2.33 12.76 -0.20
N LYS C 5 3.27 13.34 -0.94
CA LYS C 5 3.19 13.39 -2.40
C LYS C 5 4.54 13.01 -3.01
N LEU C 6 4.55 11.89 -3.73
CA LEU C 6 5.76 11.40 -4.40
C LEU C 6 5.73 11.82 -5.87
N THR C 7 6.79 12.50 -6.32
CA THR C 7 6.92 12.88 -7.73
C THR C 7 8.07 12.12 -8.39
N TYR C 8 7.77 11.44 -9.49
CA TYR C 8 8.77 10.72 -10.27
C TYR C 8 8.25 10.51 -11.69
N PHE C 9 9.07 9.96 -12.57
CA PHE C 9 8.60 9.55 -13.91
C PHE C 9 7.61 8.40 -13.78
N ASN C 10 6.84 8.15 -14.83
CA ASN C 10 5.96 6.98 -14.88
C ASN C 10 6.77 5.71 -15.13
N MET C 11 7.43 5.25 -14.07
CA MET C 11 8.22 4.03 -14.11
C MET C 11 8.57 3.63 -12.67
N ARG C 12 9.05 2.41 -12.50
CA ARG C 12 9.50 1.96 -11.19
C ARG C 12 10.75 2.74 -10.80
N GLY C 13 11.86 2.47 -11.49
CA GLY C 13 13.10 3.23 -11.32
C GLY C 13 13.52 3.42 -9.87
N ARG C 14 13.99 4.62 -9.55
CA ARG C 14 14.48 4.94 -8.20
C ARG C 14 13.36 5.15 -7.18
N ALA C 15 12.15 5.46 -7.65
CA ALA C 15 11.04 5.74 -6.74
C ALA C 15 10.41 4.49 -6.14
N GLU C 16 10.59 3.34 -6.80
CA GLU C 16 9.84 2.13 -6.46
C GLU C 16 10.09 1.63 -5.04
N ILE C 17 11.30 1.86 -4.51
CA ILE C 17 11.60 1.51 -3.12
C ILE C 17 10.69 2.26 -2.15
N ILE C 18 10.42 3.53 -2.43
CA ILE C 18 9.52 4.34 -1.60
C ILE C 18 8.08 3.86 -1.75
N ARG C 19 7.70 3.49 -2.97
CA ARG C 19 6.37 2.95 -3.22
C ARG C 19 6.13 1.63 -2.48
N TYR C 20 7.15 0.76 -2.46
CA TYR C 20 7.08 -0.49 -1.71
C TYR C 20 6.88 -0.25 -0.21
N ILE C 21 7.61 0.71 0.34
CA ILE C 21 7.54 1.03 1.76
C ILE C 21 6.16 1.56 2.14
N PHE C 22 5.60 2.46 1.32
CA PHE C 22 4.25 2.98 1.56
C PHE C 22 3.21 1.86 1.51
N ALA C 23 3.39 0.92 0.57
CA ALA C 23 2.48 -0.22 0.44
C ALA C 23 2.56 -1.14 1.66
N TYR C 24 3.77 -1.48 2.09
CA TYR C 24 3.96 -2.35 3.24
C TYR C 24 3.46 -1.71 4.54
N LEU C 25 3.67 -0.41 4.69
CA LEU C 25 3.26 0.30 5.90
C LEU C 25 1.80 0.78 5.85
N ASP C 26 1.11 0.53 4.73
CA ASP C 26 -0.31 0.87 4.58
C ASP C 26 -0.55 2.37 4.76
N ILE C 27 0.31 3.18 4.13
CA ILE C 27 0.24 4.64 4.23
C ILE C 27 -0.23 5.21 2.89
N GLN C 28 -1.16 6.17 2.95
CA GLN C 28 -1.70 6.81 1.76
C GLN C 28 -0.75 7.89 1.25
N TYR C 29 -0.67 8.04 -0.07
CA TYR C 29 0.15 9.08 -0.68
C TYR C 29 -0.30 9.33 -2.12
N GLU C 30 -0.01 10.53 -2.63
CA GLU C 30 -0.25 10.84 -4.03
C GLU C 30 0.93 10.35 -4.86
N ASP C 31 0.67 9.39 -5.74
CA ASP C 31 1.71 8.83 -6.60
C ASP C 31 1.78 9.63 -7.90
N HIS C 32 2.40 10.82 -7.81
CA HIS C 32 2.43 11.76 -8.93
C HIS C 32 3.46 11.36 -9.98
N ARG C 33 2.97 10.79 -11.08
CA ARG C 33 3.81 10.38 -12.20
C ARG C 33 3.76 11.44 -13.28
N ILE C 34 4.93 11.95 -13.69
CA ILE C 34 5.01 13.05 -14.65
C ILE C 34 5.48 12.58 -16.03
N GLU C 35 5.11 13.34 -17.05
CA GLU C 35 5.58 13.11 -18.41
C GLU C 35 6.85 13.93 -18.64
N GLN C 36 7.49 13.72 -19.80
CA GLN C 36 8.72 14.44 -20.14
C GLN C 36 8.47 15.93 -20.42
N ALA C 37 7.27 16.26 -20.90
CA ALA C 37 6.91 17.65 -21.19
C ALA C 37 6.77 18.49 -19.91
N ASP C 38 6.34 17.85 -18.82
CA ASP C 38 6.13 18.53 -17.54
C ASP C 38 7.43 18.68 -16.74
N TRP C 39 8.48 17.98 -17.14
CA TRP C 39 9.73 17.90 -16.35
C TRP C 39 10.54 19.21 -16.29
N PRO C 40 10.67 19.94 -17.42
CA PRO C 40 11.34 21.24 -17.39
C PRO C 40 10.77 22.24 -16.38
N GLU C 41 9.44 22.32 -16.29
CA GLU C 41 8.78 23.21 -15.34
C GLU C 41 9.08 22.81 -13.90
N ILE C 42 9.06 21.49 -13.63
CA ILE C 42 9.27 20.96 -12.29
C ILE C 42 10.76 21.00 -11.93
N LYS C 43 11.62 20.55 -12.84
CA LYS C 43 13.08 20.51 -12.61
C LYS C 43 13.63 21.85 -12.14
N SER C 44 13.11 22.93 -12.72
CA SER C 44 13.55 24.28 -12.36
C SER C 44 13.22 24.66 -10.92
N THR C 45 12.10 24.15 -10.41
CA THR C 45 11.66 24.46 -9.05
C THR C 45 12.35 23.62 -7.98
N LEU C 46 12.94 22.49 -8.37
CA LEU C 46 13.58 21.58 -7.42
C LEU C 46 14.97 22.09 -7.02
N PRO C 47 15.27 22.11 -5.69
CA PRO C 47 16.58 22.51 -5.18
C PRO C 47 17.79 21.89 -5.87
N PHE C 48 17.72 20.59 -6.16
CA PHE C 48 18.85 19.90 -6.81
C PHE C 48 18.52 19.34 -8.20
N GLY C 49 17.34 19.67 -8.72
CA GLY C 49 16.97 19.35 -10.10
C GLY C 49 16.88 17.88 -10.43
N LYS C 50 16.57 17.05 -9.44
CA LYS C 50 16.48 15.60 -9.64
C LYS C 50 15.27 15.00 -8.92
N ILE C 51 14.84 13.84 -9.39
CA ILE C 51 13.71 13.11 -8.81
C ILE C 51 14.13 11.67 -8.56
N PRO C 52 13.44 10.96 -7.65
CA PRO C 52 12.21 11.34 -6.95
C PRO C 52 12.35 12.40 -5.87
N ILE C 53 11.25 13.09 -5.59
CA ILE C 53 11.13 13.94 -4.41
C ILE C 53 9.88 13.53 -3.64
N LEU C 54 9.88 13.78 -2.33
CA LEU C 54 8.72 13.51 -1.49
C LEU C 54 8.35 14.78 -0.76
N GLU C 55 7.15 15.29 -1.04
CA GLU C 55 6.65 16.48 -0.36
C GLU C 55 5.85 16.05 0.87
N VAL C 56 6.12 16.72 1.99
CA VAL C 56 5.49 16.41 3.27
C VAL C 56 5.07 17.71 3.96
N ASP C 57 3.78 18.01 3.90
CA ASP C 57 3.21 19.18 4.58
C ASP C 57 3.98 20.47 4.26
N GLY C 58 4.17 20.74 2.97
CA GLY C 58 4.85 21.95 2.51
C GLY C 58 6.36 21.88 2.47
N LEU C 59 6.93 20.80 3.02
CA LEU C 59 8.38 20.59 3.03
C LEU C 59 8.73 19.58 1.95
N THR C 60 9.87 19.77 1.30
CA THR C 60 10.31 18.88 0.23
C THR C 60 11.51 18.04 0.70
N LEU C 61 11.43 16.74 0.45
CA LEU C 61 12.53 15.82 0.70
C LEU C 61 13.02 15.26 -0.63
N HIS C 62 14.32 14.95 -0.70
CA HIS C 62 14.92 14.39 -1.91
C HIS C 62 15.86 13.23 -1.57
N GLN C 63 16.36 12.57 -2.62
CA GLN C 63 17.20 11.38 -2.51
C GLN C 63 16.41 10.15 -2.03
N SER C 64 16.23 9.19 -2.94
CA SER C 64 15.35 8.04 -2.73
C SER C 64 15.71 7.20 -1.48
N LEU C 65 16.99 6.95 -1.26
CA LEU C 65 17.41 6.12 -0.13
C LEU C 65 17.36 6.87 1.20
N ALA C 66 17.61 8.17 1.15
CA ALA C 66 17.44 9.03 2.33
C ALA C 66 15.98 9.02 2.78
N ILE C 67 15.07 9.13 1.82
CA ILE C 67 13.64 9.08 2.09
C ILE C 67 13.23 7.69 2.60
N ALA C 68 13.74 6.65 1.95
CA ALA C 68 13.46 5.27 2.35
C ALA C 68 13.87 5.00 3.81
N ARG C 69 15.06 5.47 4.19
CA ARG C 69 15.55 5.30 5.55
C ARG C 69 14.71 6.09 6.55
N TYR C 70 14.27 7.28 6.15
CA TYR C 70 13.43 8.12 6.99
C TYR C 70 12.06 7.46 7.26
N LEU C 71 11.44 6.93 6.20
CA LEU C 71 10.12 6.30 6.32
C LEU C 71 10.13 4.96 7.07
N THR C 72 11.24 4.23 6.96
CA THR C 72 11.37 2.92 7.62
C THR C 72 11.87 3.02 9.06
N LYS C 73 12.33 4.20 9.45
CA LYS C 73 12.82 4.46 10.81
C LYS C 73 11.72 4.11 11.82
N ASN C 74 12.08 3.36 12.86
CA ASN C 74 11.15 2.92 13.91
C ASN C 74 10.03 1.98 13.43
N THR C 75 10.23 1.35 12.28
CA THR C 75 9.33 0.31 11.78
C THR C 75 10.10 -1.00 11.75
N ASP C 76 9.42 -2.10 11.43
CA ASP C 76 10.09 -3.41 11.41
C ASP C 76 10.82 -3.67 10.09
N LEU C 77 10.70 -2.75 9.13
CA LEU C 77 11.51 -2.80 7.91
C LEU C 77 12.95 -2.33 8.18
N ALA C 78 13.15 -1.57 9.25
CA ALA C 78 14.48 -1.16 9.66
C ALA C 78 15.20 -2.33 10.33
N GLY C 79 16.53 -2.24 10.41
CA GLY C 79 17.31 -3.24 11.12
C GLY C 79 16.95 -3.28 12.59
N ASN C 80 17.05 -4.46 13.20
CA ASN C 80 16.62 -4.65 14.59
C ASN C 80 17.61 -4.10 15.62
N THR C 81 18.85 -3.86 15.19
CA THR C 81 19.88 -3.27 16.04
C THR C 81 20.65 -2.20 15.25
N GLU C 82 21.50 -1.46 15.96
CA GLU C 82 22.35 -0.44 15.32
C GLU C 82 23.25 -1.06 14.25
N MET C 83 23.80 -2.24 14.55
CA MET C 83 24.72 -2.92 13.64
C MET C 83 24.01 -3.48 12.40
N GLU C 84 22.82 -4.02 12.59
CA GLU C 84 22.01 -4.51 11.46
C GLU C 84 21.62 -3.37 10.54
N GLN C 85 21.30 -2.22 11.11
CA GLN C 85 20.98 -1.02 10.33
C GLN C 85 22.17 -0.59 9.47
N CYS C 86 23.39 -0.78 9.97
CA CYS C 86 24.60 -0.53 9.19
C CYS C 86 24.69 -1.51 8.02
N HIS C 87 24.41 -2.78 8.27
CA HIS C 87 24.42 -3.79 7.21
C HIS C 87 23.35 -3.51 6.15
N VAL C 88 22.17 -3.07 6.59
CA VAL C 88 21.09 -2.71 5.67
C VAL C 88 21.55 -1.61 4.72
N ASP C 89 22.10 -0.54 5.28
CA ASP C 89 22.61 0.59 4.50
C ASP C 89 23.71 0.17 3.53
N ALA C 90 24.62 -0.68 4.00
CA ALA C 90 25.73 -1.14 3.19
C ALA C 90 25.27 -1.93 1.96
N ILE C 91 24.37 -2.88 2.18
CA ILE C 91 23.84 -3.71 1.08
C ILE C 91 23.04 -2.86 0.10
N VAL C 92 22.24 -1.94 0.60
CA VAL C 92 21.44 -1.06 -0.26
C VAL C 92 22.36 -0.18 -1.13
N ASP C 93 23.40 0.37 -0.51
CA ASP C 93 24.36 1.21 -1.25
C ASP C 93 25.16 0.41 -2.28
N THR C 94 25.47 -0.86 -1.97
CA THR C 94 26.15 -1.73 -2.93
C THR C 94 25.27 -1.97 -4.15
N LEU C 95 23.99 -2.25 -3.93
CA LEU C 95 23.03 -2.41 -5.01
C LEU C 95 22.87 -1.10 -5.78
N ASP C 96 22.76 0.00 -5.06
CA ASP C 96 22.56 1.31 -5.70
C ASP C 96 23.76 1.73 -6.54
N ASP C 97 24.97 1.44 -6.05
CA ASP C 97 26.20 1.75 -6.79
C ASP C 97 26.21 1.10 -8.17
N PHE C 98 25.83 -0.17 -8.23
CA PHE C 98 25.83 -0.92 -9.49
C PHE C 98 24.75 -0.42 -10.44
N MET C 99 23.55 -0.21 -9.91
CA MET C 99 22.43 0.29 -10.71
C MET C 99 22.70 1.70 -11.25
N SER C 100 23.46 2.48 -10.49
CA SER C 100 23.83 3.84 -10.89
C SER C 100 24.92 3.88 -11.98
N CYS C 101 25.58 2.76 -12.23
CA CYS C 101 26.58 2.67 -13.30
C CYS C 101 25.95 2.67 -14.69
N PHE C 102 24.70 2.21 -14.79
CA PHE C 102 24.01 2.11 -16.07
C PHE C 102 23.64 3.49 -16.60
N PRO C 103 23.91 3.75 -17.88
CA PRO C 103 23.59 5.05 -18.49
C PRO C 103 22.11 5.14 -18.88
N TRP C 104 21.26 5.42 -17.90
CA TRP C 104 19.80 5.44 -18.12
C TRP C 104 19.36 6.63 -18.98
N ALA C 105 20.07 7.76 -18.85
CA ALA C 105 19.70 8.99 -19.54
C ALA C 105 20.47 9.22 -20.86
N GLU C 106 21.24 8.23 -21.30
CA GLU C 106 22.05 8.36 -22.52
C GLU C 106 21.17 8.38 -23.76
N LYS C 107 21.31 9.43 -24.58
CA LYS C 107 20.48 9.62 -25.77
C LYS C 107 21.07 8.97 -27.03
N LYS C 108 22.31 8.50 -26.96
CA LYS C 108 22.92 7.72 -28.04
C LYS C 108 22.77 6.24 -27.75
N GLN C 109 21.83 5.59 -28.45
CA GLN C 109 21.46 4.19 -28.18
C GLN C 109 22.61 3.21 -28.38
N ASP C 110 23.48 3.48 -29.34
CA ASP C 110 24.63 2.62 -29.61
C ASP C 110 25.62 2.61 -28.44
N VAL C 111 25.89 3.77 -27.86
CA VAL C 111 26.76 3.89 -26.70
C VAL C 111 26.09 3.25 -25.48
N LYS C 112 24.79 3.50 -25.33
CA LYS C 112 24.01 2.96 -24.23
C LYS C 112 23.98 1.43 -24.25
N GLU C 113 23.66 0.86 -25.40
CA GLU C 113 23.52 -0.60 -25.53
C GLU C 113 24.83 -1.34 -25.20
N GLN C 114 25.94 -0.88 -25.76
CA GLN C 114 27.23 -1.53 -25.53
C GLN C 114 27.73 -1.40 -24.09
N MET C 115 27.41 -0.28 -23.44
N MET C 115 27.40 -0.29 -23.43
CA MET C 115 27.72 -0.08 -22.02
CA MET C 115 27.75 -0.11 -22.02
C MET C 115 26.84 -0.96 -21.14
C MET C 115 26.84 -0.94 -21.11
N PHE C 116 25.58 -1.12 -21.52
CA PHE C 116 24.65 -2.01 -20.81
C PHE C 116 25.12 -3.46 -20.88
N ASN C 117 25.48 -3.92 -22.07
CA ASN C 117 25.97 -5.27 -22.28
C ASN C 117 27.28 -5.54 -21.54
N GLU C 118 28.15 -4.54 -21.50
CA GLU C 118 29.44 -4.66 -20.81
C GLU C 118 29.25 -4.85 -19.30
N LEU C 119 28.32 -4.11 -18.72
CA LEU C 119 28.02 -4.22 -17.28
C LEU C 119 27.33 -5.55 -16.96
N LEU C 120 26.35 -5.92 -17.78
CA LEU C 120 25.56 -7.13 -17.53
C LEU C 120 26.34 -8.42 -17.81
N THR C 121 27.26 -8.38 -18.77
CA THR C 121 28.02 -9.56 -19.15
C THR C 121 29.21 -9.81 -18.22
N TYR C 122 29.94 -8.75 -17.87
CA TYR C 122 31.21 -8.89 -17.15
C TYR C 122 31.15 -8.49 -15.67
N ASN C 123 30.45 -7.41 -15.35
CA ASN C 123 30.39 -6.93 -13.96
C ASN C 123 29.29 -7.59 -13.12
N ALA C 124 28.11 -7.76 -13.71
CA ALA C 124 26.95 -8.28 -12.98
C ALA C 124 27.19 -9.64 -12.33
N PRO C 125 27.75 -10.62 -13.08
CA PRO C 125 27.96 -11.95 -12.50
C PRO C 125 28.82 -11.96 -11.23
N HIS C 126 29.79 -11.05 -11.15
CA HIS C 126 30.64 -10.93 -9.96
C HIS C 126 29.83 -10.41 -8.77
N LEU C 127 28.93 -9.46 -9.02
CA LEU C 127 28.07 -8.92 -7.97
C LEU C 127 27.07 -9.96 -7.47
N MET C 128 26.54 -10.77 -8.39
CA MET C 128 25.59 -11.82 -8.02
C MET C 128 26.25 -12.87 -7.12
N GLN C 129 27.49 -13.24 -7.42
CA GLN C 129 28.25 -14.19 -6.61
C GLN C 129 28.51 -13.63 -5.20
N ASP C 130 28.87 -12.35 -5.13
CA ASP C 130 29.11 -11.67 -3.85
C ASP C 130 27.83 -11.61 -3.00
N LEU C 131 26.71 -11.27 -3.63
CA LEU C 131 25.40 -11.26 -2.97
C LEU C 131 25.02 -12.66 -2.47
N ASP C 132 25.22 -13.67 -3.32
CA ASP C 132 24.85 -15.04 -3.00
C ASP C 132 25.68 -15.59 -1.84
N THR C 133 26.98 -15.30 -1.85
CA THR C 133 27.88 -15.71 -0.78
C THR C 133 27.57 -14.94 0.52
N TYR C 134 27.21 -13.67 0.39
CA TYR C 134 26.83 -12.86 1.54
C TYR C 134 25.55 -13.38 2.19
N LEU C 135 24.56 -13.70 1.36
CA LEU C 135 23.29 -14.25 1.83
C LEU C 135 23.50 -15.61 2.49
N GLY C 136 24.29 -16.47 1.85
CA GLY C 136 24.53 -17.82 2.33
C GLY C 136 23.24 -18.63 2.31
N GLY C 137 22.97 -19.35 3.39
CA GLY C 137 21.74 -20.12 3.53
C GLY C 137 20.68 -19.43 4.38
N ARG C 138 20.84 -18.12 4.60
CA ARG C 138 19.96 -17.38 5.51
C ARG C 138 18.67 -16.98 4.82
N GLU C 139 17.62 -16.76 5.61
CA GLU C 139 16.28 -16.47 5.08
C GLU C 139 16.21 -15.09 4.46
N TRP C 140 16.76 -14.09 5.15
CA TRP C 140 16.79 -12.72 4.67
C TRP C 140 18.24 -12.21 4.61
N LEU C 141 18.43 -11.06 3.98
CA LEU C 141 19.77 -10.49 3.82
C LEU C 141 20.37 -10.05 5.16
N ILE C 142 19.55 -9.44 6.00
CA ILE C 142 20.00 -8.94 7.31
C ILE C 142 19.05 -9.39 8.41
N GLY C 143 19.62 -9.96 9.47
CA GLY C 143 18.85 -10.33 10.66
C GLY C 143 17.89 -11.50 10.46
N ASN C 144 16.86 -11.54 11.30
CA ASN C 144 15.89 -12.65 11.33
C ASN C 144 14.60 -12.37 10.55
N SER C 145 14.36 -11.10 10.21
CA SER C 145 13.14 -10.72 9.50
C SER C 145 13.44 -9.86 8.27
N VAL C 146 12.42 -9.61 7.46
CA VAL C 146 12.57 -8.84 6.24
C VAL C 146 12.93 -7.37 6.56
N THR C 147 13.76 -6.79 5.71
CA THR C 147 14.09 -5.37 5.79
C THR C 147 13.90 -4.75 4.41
N TRP C 148 14.02 -3.42 4.34
CA TRP C 148 13.90 -2.73 3.05
C TRP C 148 15.11 -2.98 2.13
N ALA C 149 16.16 -3.63 2.67
CA ALA C 149 17.24 -4.15 1.84
C ALA C 149 16.76 -5.30 0.94
N ASP C 150 15.92 -6.18 1.49
CA ASP C 150 15.33 -7.28 0.72
C ASP C 150 14.40 -6.73 -0.36
N PHE C 151 13.60 -5.73 0.01
CA PHE C 151 12.76 -4.98 -0.94
C PHE C 151 13.62 -4.46 -2.10
N TYR C 152 14.74 -3.85 -1.76
CA TYR C 152 15.62 -3.23 -2.75
C TYR C 152 16.26 -4.26 -3.68
N TRP C 153 16.61 -5.43 -3.15
CA TRP C 153 17.14 -6.51 -3.97
C TRP C 153 16.12 -6.94 -5.03
N GLU C 154 14.89 -7.18 -4.61
CA GLU C 154 13.82 -7.59 -5.51
C GLU C 154 13.57 -6.53 -6.58
N ILE C 155 13.58 -5.25 -6.18
CA ILE C 155 13.36 -4.14 -7.10
C ILE C 155 14.49 -4.03 -8.14
N CYS C 156 15.73 -4.07 -7.67
CA CYS C 156 16.88 -3.95 -8.56
C CYS C 156 16.98 -5.14 -9.51
N SER C 157 16.85 -6.35 -8.96
CA SER C 157 16.93 -7.57 -9.77
C SER C 157 15.81 -7.66 -10.82
N THR C 158 14.63 -7.12 -10.50
CA THR C 158 13.51 -7.09 -11.45
C THR C 158 13.88 -6.34 -12.72
N THR C 159 14.53 -5.19 -12.57
CA THR C 159 14.96 -4.38 -13.71
C THR C 159 16.12 -5.03 -14.45
N LEU C 160 17.08 -5.58 -13.71
CA LEU C 160 18.23 -6.26 -14.32
C LEU C 160 17.83 -7.51 -15.10
N LEU C 161 16.82 -8.23 -14.62
CA LEU C 161 16.33 -9.45 -15.28
C LEU C 161 15.65 -9.19 -16.63
N VAL C 162 15.15 -7.97 -16.83
CA VAL C 162 14.58 -7.57 -18.12
C VAL C 162 15.66 -7.57 -19.21
N PHE C 163 16.85 -7.09 -18.85
CA PHE C 163 17.96 -6.97 -19.80
C PHE C 163 18.85 -8.21 -19.83
N LYS C 164 18.85 -8.98 -18.75
CA LYS C 164 19.58 -10.26 -18.70
C LYS C 164 18.77 -11.31 -17.94
N PRO C 165 17.85 -12.00 -18.64
CA PRO C 165 16.96 -13.01 -18.04
C PRO C 165 17.67 -14.14 -17.28
N ASP C 166 18.89 -14.49 -17.70
CA ASP C 166 19.63 -15.60 -17.09
C ASP C 166 20.62 -15.14 -16.01
N LEU C 167 20.36 -13.98 -15.40
CA LEU C 167 21.25 -13.42 -14.39
C LEU C 167 21.33 -14.28 -13.13
N LEU C 168 20.20 -14.88 -12.73
CA LEU C 168 20.12 -15.67 -11.50
C LEU C 168 19.96 -17.17 -11.75
N ASP C 169 20.31 -17.64 -12.95
CA ASP C 169 20.21 -19.06 -13.27
C ASP C 169 21.13 -19.92 -12.42
N ASN C 170 22.30 -19.38 -12.09
CA ASN C 170 23.28 -20.07 -11.25
C ASN C 170 23.21 -19.66 -9.77
N HIS C 171 22.15 -18.94 -9.39
CA HIS C 171 21.97 -18.45 -8.02
C HIS C 171 20.52 -18.63 -7.53
N PRO C 172 20.10 -19.89 -7.32
CA PRO C 172 18.71 -20.17 -6.92
C PRO C 172 18.29 -19.54 -5.58
N ARG C 173 19.23 -19.37 -4.66
CA ARG C 173 18.93 -18.79 -3.35
C ARG C 173 18.57 -17.30 -3.44
N LEU C 174 19.13 -16.60 -4.43
CA LEU C 174 18.77 -15.21 -4.70
C LEU C 174 17.39 -15.09 -5.34
N VAL C 175 17.02 -16.07 -6.16
CA VAL C 175 15.68 -16.13 -6.75
C VAL C 175 14.65 -16.43 -5.66
N THR C 176 15.02 -17.28 -4.72
CA THR C 176 14.16 -17.61 -3.58
C THR C 176 13.85 -16.37 -2.74
N LEU C 177 14.85 -15.50 -2.56
CA LEU C 177 14.68 -14.26 -1.81
C LEU C 177 13.68 -13.32 -2.50
N ARG C 178 13.81 -13.19 -3.82
CA ARG C 178 12.88 -12.39 -4.62
C ARG C 178 11.43 -12.85 -4.40
N LYS C 179 11.21 -14.15 -4.49
CA LYS C 179 9.87 -14.72 -4.31
C LYS C 179 9.33 -14.55 -2.90
N LYS C 180 10.20 -14.64 -1.89
CA LYS C 180 9.81 -14.38 -0.51
C LYS C 180 9.26 -12.96 -0.37
N VAL C 181 9.94 -12.00 -1.01
CA VAL C 181 9.50 -10.60 -0.98
C VAL C 181 8.21 -10.42 -1.78
N GLN C 182 8.15 -11.02 -2.96
CA GLN C 182 6.97 -10.93 -3.82
C GLN C 182 5.74 -11.63 -3.21
N ALA C 183 5.98 -12.60 -2.33
CA ALA C 183 4.89 -13.33 -1.67
C ALA C 183 4.27 -12.55 -0.49
N ILE C 184 4.95 -11.51 -0.02
CA ILE C 184 4.42 -10.68 1.07
C ILE C 184 3.14 -10.00 0.58
N PRO C 185 2.01 -10.21 1.29
CA PRO C 185 0.70 -9.70 0.87
C PRO C 185 0.68 -8.27 0.34
N ALA C 186 1.21 -7.32 1.12
CA ALA C 186 1.21 -5.91 0.74
C ALA C 186 2.03 -5.66 -0.54
N VAL C 187 3.15 -6.35 -0.67
CA VAL C 187 3.98 -6.25 -1.87
C VAL C 187 3.26 -6.88 -3.05
N ALA C 188 2.70 -8.06 -2.84
CA ALA C 188 1.95 -8.77 -3.88
C ALA C 188 0.80 -7.94 -4.43
N ASN C 189 0.07 -7.27 -3.55
CA ASN C 189 -1.05 -6.42 -3.95
C ASN C 189 -0.58 -5.18 -4.72
N TRP C 190 0.54 -4.60 -4.30
CA TRP C 190 1.12 -3.46 -5.02
C TRP C 190 1.58 -3.87 -6.42
N ILE C 191 2.20 -5.04 -6.55
CA ILE C 191 2.67 -5.54 -7.85
C ILE C 191 1.51 -5.69 -8.85
N LYS C 192 0.33 -6.06 -8.36
CA LYS C 192 -0.87 -6.16 -9.19
C LYS C 192 -1.49 -4.79 -9.48
N ARG C 193 -1.43 -3.89 -8.49
CA ARG C 193 -2.07 -2.59 -8.61
C ARG C 193 -1.25 -1.58 -9.42
N ARG C 194 0.07 -1.65 -9.32
CA ARG C 194 0.94 -0.64 -9.93
C ARG C 194 0.81 -0.64 -11.46
N PRO C 195 1.01 0.53 -12.09
CA PRO C 195 1.07 0.60 -13.55
C PRO C 195 2.13 -0.33 -14.12
N GLN C 196 1.80 -1.00 -15.22
CA GLN C 196 2.74 -1.90 -15.88
C GLN C 196 3.67 -1.11 -16.78
N THR C 197 4.94 -1.00 -16.36
CA THR C 197 5.96 -0.31 -17.15
C THR C 197 7.16 -1.22 -17.32
N LYS C 198 7.95 -0.97 -18.38
CA LYS C 198 9.15 -1.76 -18.65
C LYS C 198 10.20 -1.56 -17.55
N LEU C 199 10.43 -0.31 -17.19
CA LEU C 199 11.44 0.06 -16.20
C LEU C 199 10.81 0.67 -14.95
N PRO D 2 35.57 -0.92 21.92
CA PRO D 2 35.62 -1.41 20.55
C PRO D 2 36.94 -1.08 19.86
N ASN D 3 37.60 -2.10 19.29
CA ASN D 3 38.86 -1.90 18.56
C ASN D 3 38.59 -1.68 17.08
N TYR D 4 39.00 -0.52 16.56
CA TYR D 4 38.74 -0.13 15.18
C TYR D 4 39.97 -0.23 14.30
N LYS D 5 39.82 -0.85 13.14
CA LYS D 5 40.87 -0.90 12.12
C LYS D 5 40.29 -0.50 10.77
N LEU D 6 40.77 0.62 10.23
CA LEU D 6 40.31 1.13 8.93
C LEU D 6 41.34 0.79 7.86
N THR D 7 40.88 0.18 6.75
CA THR D 7 41.76 -0.15 5.63
C THR D 7 41.37 0.65 4.38
N TYR D 8 42.36 1.31 3.79
CA TYR D 8 42.17 2.08 2.55
C TYR D 8 43.53 2.34 1.92
N PHE D 9 43.54 2.96 0.73
CA PHE D 9 44.79 3.40 0.11
C PHE D 9 45.40 4.56 0.88
N ASN D 10 46.65 4.89 0.56
CA ASN D 10 47.27 6.11 1.09
C ASN D 10 46.69 7.32 0.35
N MET D 11 45.48 7.69 0.77
CA MET D 11 44.70 8.75 0.14
C MET D 11 43.66 9.20 1.15
N ARG D 12 43.11 10.40 0.95
CA ARG D 12 41.91 10.80 1.66
C ARG D 12 40.74 9.97 1.10
N GLY D 13 40.36 10.24 -0.15
CA GLY D 13 39.35 9.46 -0.85
C GLY D 13 38.07 9.20 -0.07
N ARG D 14 37.50 8.01 -0.26
CA ARG D 14 36.25 7.63 0.40
C ARG D 14 36.39 7.33 1.90
N ALA D 15 37.62 7.16 2.38
CA ALA D 15 37.86 6.86 3.80
C ALA D 15 37.93 8.09 4.68
N GLU D 16 38.10 9.27 4.08
CA GLU D 16 38.41 10.48 4.86
C GLU D 16 37.26 10.93 5.77
N ILE D 17 36.03 10.71 5.34
CA ILE D 17 34.87 11.04 6.19
C ILE D 17 34.90 10.24 7.50
N ILE D 18 35.33 8.99 7.43
CA ILE D 18 35.47 8.15 8.63
C ILE D 18 36.61 8.68 9.50
N ARG D 19 37.70 9.12 8.88
CA ARG D 19 38.85 9.66 9.60
C ARG D 19 38.51 10.97 10.33
N TYR D 20 37.71 11.83 9.69
CA TYR D 20 37.22 13.05 10.33
C TYR D 20 36.35 12.74 11.56
N ILE D 21 35.45 11.77 11.41
CA ILE D 21 34.54 11.38 12.48
C ILE D 21 35.32 10.86 13.69
N PHE D 22 36.28 9.98 13.46
CA PHE D 22 37.12 9.45 14.55
C PHE D 22 37.89 10.58 15.25
N ALA D 23 38.47 11.47 14.46
CA ALA D 23 39.21 12.62 15.00
C ALA D 23 38.31 13.50 15.86
N TYR D 24 37.11 13.80 15.37
CA TYR D 24 36.17 14.66 16.09
C TYR D 24 35.67 14.01 17.38
N LEU D 25 35.35 12.72 17.32
CA LEU D 25 34.86 11.98 18.49
C LEU D 25 35.99 11.50 19.41
N ASP D 26 37.24 11.78 19.02
CA ASP D 26 38.42 11.40 19.80
C ASP D 26 38.51 9.89 20.02
N ILE D 27 38.20 9.14 18.96
CA ILE D 27 38.22 7.68 19.01
C ILE D 27 39.54 7.18 18.41
N GLN D 28 40.21 6.28 19.13
CA GLN D 28 41.48 5.72 18.66
C GLN D 28 41.21 4.61 17.66
N TYR D 29 42.03 4.54 16.61
CA TYR D 29 41.89 3.53 15.57
C TYR D 29 43.18 3.30 14.79
N GLU D 30 43.32 2.11 14.22
CA GLU D 30 44.45 1.81 13.34
C GLU D 30 44.13 2.32 11.93
N ASP D 31 44.90 3.30 11.47
CA ASP D 31 44.72 3.89 10.15
C ASP D 31 45.61 3.13 9.15
N HIS D 32 45.17 1.94 8.78
CA HIS D 32 45.95 1.07 7.91
C HIS D 32 45.86 1.51 6.45
N ARG D 33 46.99 1.96 5.90
CA ARG D 33 47.06 2.40 4.51
C ARG D 33 47.86 1.39 3.68
N ILE D 34 47.23 0.85 2.63
CA ILE D 34 47.86 -0.18 1.79
C ILE D 34 48.46 0.41 0.52
N GLU D 35 49.39 -0.34 -0.07
CA GLU D 35 49.98 0.00 -1.36
C GLU D 35 49.22 -0.77 -2.45
N GLN D 36 49.40 -0.35 -3.70
CA GLN D 36 48.72 -0.99 -4.84
C GLN D 36 49.21 -2.41 -5.13
N ALA D 37 50.40 -2.76 -4.66
CA ALA D 37 50.94 -4.10 -4.82
C ALA D 37 50.16 -5.15 -4.03
N ASP D 38 49.69 -4.76 -2.84
CA ASP D 38 48.96 -5.67 -1.95
C ASP D 38 47.45 -5.66 -2.18
N TRP D 39 46.96 -4.79 -3.07
CA TRP D 39 45.52 -4.62 -3.27
C TRP D 39 44.83 -5.82 -3.95
N PRO D 40 45.44 -6.38 -5.03
CA PRO D 40 44.85 -7.55 -5.68
C PRO D 40 44.58 -8.75 -4.76
N GLU D 41 45.52 -9.03 -3.85
CA GLU D 41 45.39 -10.18 -2.95
C GLU D 41 44.39 -9.92 -1.84
N ILE D 42 44.46 -8.73 -1.25
CA ILE D 42 43.57 -8.37 -0.15
C ILE D 42 42.14 -8.10 -0.64
N LYS D 43 42.00 -7.78 -1.93
CA LYS D 43 40.69 -7.58 -2.56
C LYS D 43 39.86 -8.86 -2.56
N SER D 44 40.51 -9.98 -2.90
CA SER D 44 39.82 -11.28 -3.01
C SER D 44 39.26 -11.78 -1.67
N THR D 45 39.90 -11.40 -0.58
CA THR D 45 39.44 -11.79 0.76
C THR D 45 38.20 -11.02 1.21
N LEU D 46 37.93 -9.87 0.60
CA LEU D 46 36.79 -9.04 0.98
C LEU D 46 35.50 -9.55 0.32
N PRO D 47 34.40 -9.62 1.10
CA PRO D 47 33.09 -10.05 0.58
C PRO D 47 32.62 -9.33 -0.69
N PHE D 48 32.94 -8.05 -0.82
CA PHE D 48 32.52 -7.27 -2.00
C PHE D 48 33.68 -6.64 -2.78
N GLY D 49 34.91 -6.94 -2.38
CA GLY D 49 36.11 -6.52 -3.13
C GLY D 49 36.36 -5.02 -3.22
N LYS D 50 35.77 -4.25 -2.31
CA LYS D 50 35.91 -2.79 -2.32
C LYS D 50 36.43 -2.27 -0.98
N ILE D 51 37.04 -1.10 -1.00
CA ILE D 51 37.46 -0.41 0.21
C ILE D 51 36.98 1.04 0.16
N PRO D 52 36.87 1.73 1.31
CA PRO D 52 37.30 1.35 2.66
C PRO D 52 36.46 0.28 3.35
N ILE D 53 37.11 -0.47 4.23
CA ILE D 53 36.41 -1.36 5.16
C ILE D 53 36.82 -1.00 6.59
N LEU D 54 35.91 -1.20 7.53
CA LEU D 54 36.18 -0.96 8.94
C LEU D 54 35.94 -2.25 9.72
N GLU D 55 37.01 -2.78 10.32
CA GLU D 55 36.90 -3.97 11.17
C GLU D 55 36.62 -3.53 12.60
N VAL D 56 35.53 -4.03 13.16
CA VAL D 56 35.11 -3.71 14.53
C VAL D 56 34.89 -5.01 15.31
N ASP D 57 35.83 -5.33 16.20
CA ASP D 57 35.76 -6.55 17.02
C ASP D 57 35.58 -7.81 16.17
N GLY D 58 36.47 -7.97 15.18
CA GLY D 58 36.46 -9.16 14.33
C GLY D 58 35.33 -9.23 13.32
N LEU D 59 34.61 -8.11 13.14
CA LEU D 59 33.50 -8.04 12.19
C LEU D 59 33.82 -7.00 11.12
N THR D 60 33.83 -7.42 9.87
CA THR D 60 34.16 -6.54 8.75
C THR D 60 32.93 -5.73 8.32
N LEU D 61 33.09 -4.42 8.23
CA LEU D 61 32.05 -3.53 7.72
C LEU D 61 32.54 -2.87 6.44
N HIS D 62 31.60 -2.53 5.56
CA HIS D 62 31.94 -1.89 4.29
C HIS D 62 30.96 -0.74 3.99
N GLN D 63 31.25 -0.01 2.91
CA GLN D 63 30.49 1.17 2.48
C GLN D 63 30.72 2.35 3.42
N SER D 64 31.45 3.35 2.93
CA SER D 64 31.92 4.47 3.73
C SER D 64 30.82 5.25 4.44
N LEU D 65 29.71 5.48 3.74
CA LEU D 65 28.62 6.30 4.29
C LEU D 65 27.73 5.51 5.24
N ALA D 66 27.59 4.21 4.99
CA ALA D 66 26.93 3.32 5.95
C ALA D 66 27.70 3.31 7.27
N ILE D 67 29.02 3.19 7.17
CA ILE D 67 29.89 3.22 8.34
C ILE D 67 29.83 4.58 9.04
N ALA D 68 29.96 5.66 8.26
CA ALA D 68 29.89 7.02 8.80
C ALA D 68 28.59 7.25 9.58
N ARG D 69 27.47 6.79 9.03
CA ARG D 69 26.17 6.92 9.69
C ARG D 69 26.14 6.14 11.01
N TYR D 70 26.66 4.91 10.99
CA TYR D 70 26.71 4.07 12.17
C TYR D 70 27.54 4.72 13.29
N LEU D 71 28.71 5.24 12.94
CA LEU D 71 29.61 5.87 13.90
C LEU D 71 29.06 7.17 14.50
N THR D 72 28.24 7.89 13.73
CA THR D 72 27.71 9.19 14.16
C THR D 72 26.37 9.10 14.89
N LYS D 73 25.70 7.95 14.81
CA LYS D 73 24.42 7.77 15.50
C LYS D 73 24.58 8.00 16.99
N ASN D 74 23.65 8.77 17.57
CA ASN D 74 23.67 9.14 18.99
C ASN D 74 24.90 9.97 19.39
N THR D 75 25.37 10.80 18.45
CA THR D 75 26.41 11.79 18.71
C THR D 75 25.93 13.14 18.17
N ASP D 76 26.64 14.21 18.53
CA ASP D 76 26.24 15.55 18.08
C ASP D 76 26.51 15.82 16.59
N LEU D 77 27.19 14.88 15.91
CA LEU D 77 27.38 14.96 14.46
C LEU D 77 26.15 14.48 13.68
N ALA D 78 25.27 13.72 14.34
CA ALA D 78 24.01 13.32 13.73
C ALA D 78 23.04 14.50 13.72
N GLY D 79 22.00 14.40 12.91
CA GLY D 79 20.93 15.39 12.91
C GLY D 79 20.20 15.41 14.23
N ASN D 80 19.67 16.57 14.61
CA ASN D 80 19.02 16.74 15.91
C ASN D 80 17.60 16.16 15.97
N THR D 81 16.94 16.08 14.82
CA THR D 81 15.62 15.47 14.69
C THR D 81 15.63 14.39 13.61
N GLU D 82 14.52 13.65 13.51
CA GLU D 82 14.39 12.60 12.50
C GLU D 82 14.41 13.15 11.08
N MET D 83 13.77 14.31 10.87
CA MET D 83 13.77 14.95 9.54
C MET D 83 15.12 15.57 9.20
N GLU D 84 15.85 16.05 10.21
CA GLU D 84 17.21 16.56 10.01
C GLU D 84 18.15 15.44 9.56
N GLN D 85 18.00 14.26 10.14
CA GLN D 85 18.79 13.09 9.74
C GLN D 85 18.53 12.71 8.27
N CYS D 86 17.29 12.92 7.82
CA CYS D 86 16.96 12.73 6.40
C CYS D 86 17.66 13.76 5.52
N HIS D 87 17.70 15.01 5.97
CA HIS D 87 18.40 16.08 5.25
C HIS D 87 19.92 15.85 5.21
N VAL D 88 20.48 15.36 6.31
CA VAL D 88 21.89 15.00 6.37
C VAL D 88 22.20 13.94 5.32
N ASP D 89 21.42 12.86 5.33
CA ASP D 89 21.60 11.75 4.38
C ASP D 89 21.42 12.20 2.93
N ALA D 90 20.46 13.08 2.70
CA ALA D 90 20.17 13.56 1.35
C ALA D 90 21.34 14.37 0.78
N ILE D 91 21.86 15.29 1.57
CA ILE D 91 22.98 16.14 1.14
C ILE D 91 24.24 15.30 0.91
N VAL D 92 24.53 14.38 1.83
CA VAL D 92 25.70 13.51 1.69
C VAL D 92 25.59 12.67 0.41
N ASP D 93 24.42 12.11 0.16
CA ASP D 93 24.20 11.32 -1.06
C ASP D 93 24.30 12.17 -2.33
N THR D 94 23.81 13.40 -2.27
CA THR D 94 23.95 14.33 -3.39
C THR D 94 25.42 14.60 -3.70
N LEU D 95 26.21 14.84 -2.65
CA LEU D 95 27.66 15.01 -2.79
C LEU D 95 28.32 13.73 -3.29
N ASP D 96 27.96 12.59 -2.68
CA ASP D 96 28.54 11.29 -3.04
C ASP D 96 28.22 10.90 -4.48
N ASP D 97 26.99 11.19 -4.92
CA ASP D 97 26.57 10.92 -6.30
C ASP D 97 27.48 11.59 -7.31
N PHE D 98 27.77 12.86 -7.09
CA PHE D 98 28.62 13.63 -8.00
C PHE D 98 30.05 13.13 -8.00
N MET D 99 30.60 12.89 -6.82
CA MET D 99 31.97 12.37 -6.70
C MET D 99 32.10 10.99 -7.34
N SER D 100 31.06 10.18 -7.24
CA SER D 100 31.06 8.82 -7.80
C SER D 100 30.95 8.80 -9.33
N CYS D 101 30.59 9.91 -9.95
CA CYS D 101 30.54 10.03 -11.41
C CYS D 101 31.93 10.04 -12.05
N PHE D 102 32.94 10.45 -11.28
CA PHE D 102 34.30 10.54 -11.81
C PHE D 102 34.91 9.14 -11.97
N PRO D 103 35.53 8.86 -13.13
CA PRO D 103 36.15 7.57 -13.35
C PRO D 103 37.52 7.49 -12.68
N TRP D 104 37.52 7.26 -11.36
CA TRP D 104 38.75 7.22 -10.59
C TRP D 104 39.63 6.01 -10.93
N ALA D 105 38.99 4.92 -11.36
CA ALA D 105 39.68 3.66 -11.66
C ALA D 105 39.98 3.46 -13.14
N GLU D 106 39.75 4.49 -13.96
CA GLU D 106 40.08 4.43 -15.39
C GLU D 106 41.59 4.60 -15.56
N LYS D 107 42.21 3.64 -16.24
CA LYS D 107 43.67 3.64 -16.43
C LYS D 107 44.13 4.47 -17.64
N LYS D 108 43.26 4.59 -18.65
CA LYS D 108 43.56 5.40 -19.83
C LYS D 108 43.52 6.88 -19.47
N GLN D 109 44.70 7.50 -19.39
CA GLN D 109 44.85 8.87 -18.91
C GLN D 109 44.11 9.88 -19.79
N ASP D 110 44.22 9.71 -21.11
CA ASP D 110 43.55 10.62 -22.06
C ASP D 110 42.02 10.54 -21.97
N VAL D 111 41.50 9.33 -21.75
CA VAL D 111 40.06 9.12 -21.61
C VAL D 111 39.58 9.55 -20.22
N LYS D 112 40.44 9.36 -19.21
CA LYS D 112 40.16 9.81 -17.86
C LYS D 112 40.09 11.33 -17.80
N GLU D 113 41.13 11.99 -18.31
CA GLU D 113 41.21 13.46 -18.34
C GLU D 113 40.04 14.10 -19.09
N GLN D 114 39.53 13.41 -20.11
CA GLN D 114 38.38 13.90 -20.87
C GLN D 114 37.11 13.86 -20.03
N MET D 115 36.91 12.77 -19.29
CA MET D 115 35.76 12.63 -18.39
C MET D 115 35.81 13.62 -17.22
N PHE D 116 37.00 13.83 -16.66
CA PHE D 116 37.18 14.77 -15.54
C PHE D 116 36.86 16.20 -15.95
N ASN D 117 37.51 16.68 -17.01
CA ASN D 117 37.29 18.04 -17.51
C ASN D 117 35.82 18.30 -17.89
N GLU D 118 35.16 17.26 -18.38
CA GLU D 118 33.75 17.36 -18.76
C GLU D 118 32.83 17.50 -17.54
N LEU D 119 33.15 16.78 -16.46
CA LEU D 119 32.37 16.86 -15.23
C LEU D 119 32.66 18.13 -14.44
N LEU D 120 33.94 18.48 -14.34
CA LEU D 120 34.38 19.65 -13.57
C LEU D 120 33.91 20.96 -14.19
N THR D 121 34.07 21.08 -15.50
CA THR D 121 33.76 22.33 -16.20
C THR D 121 32.25 22.53 -16.41
N TYR D 122 31.54 21.44 -16.72
CA TYR D 122 30.12 21.52 -17.05
C TYR D 122 29.20 21.36 -15.84
N ASN D 123 29.32 20.22 -15.16
CA ASN D 123 28.38 19.85 -14.09
C ASN D 123 28.66 20.49 -12.74
N ALA D 124 29.94 20.62 -12.39
CA ALA D 124 30.32 21.10 -11.05
C ALA D 124 29.73 22.47 -10.69
N PRO D 125 29.80 23.45 -11.61
CA PRO D 125 29.23 24.77 -11.31
C PRO D 125 27.74 24.75 -10.98
N HIS D 126 26.98 23.87 -11.63
CA HIS D 126 25.55 23.74 -11.33
C HIS D 126 25.31 23.19 -9.93
N LEU D 127 26.12 22.22 -9.51
CA LEU D 127 26.04 21.68 -8.16
C LEU D 127 26.40 22.73 -7.10
N MET D 128 27.44 23.51 -7.38
CA MET D 128 27.88 24.56 -6.45
C MET D 128 26.79 25.60 -6.25
N GLN D 129 26.10 25.97 -7.34
CA GLN D 129 25.01 26.94 -7.25
C GLN D 129 23.85 26.41 -6.41
N ASP D 130 23.49 25.14 -6.64
CA ASP D 130 22.42 24.50 -5.87
C ASP D 130 22.79 24.38 -4.39
N LEU D 131 24.04 24.01 -4.11
CA LEU D 131 24.56 23.97 -2.73
C LEU D 131 24.49 25.34 -2.06
N ASP D 132 24.92 26.37 -2.79
CA ASP D 132 24.95 27.74 -2.27
C ASP D 132 23.52 28.20 -1.94
N THR D 133 22.61 27.95 -2.87
CA THR D 133 21.20 28.30 -2.69
C THR D 133 20.57 27.51 -1.54
N TYR D 134 20.88 26.21 -1.47
CA TYR D 134 20.37 25.36 -0.41
C TYR D 134 20.83 25.83 0.97
N LEU D 135 22.10 26.21 1.08
CA LEU D 135 22.67 26.70 2.33
C LEU D 135 22.03 28.01 2.77
N GLY D 136 21.81 28.92 1.82
CA GLY D 136 21.22 30.22 2.12
C GLY D 136 22.04 30.98 3.15
N GLY D 137 21.36 31.57 4.14
CA GLY D 137 22.03 32.32 5.19
C GLY D 137 22.36 31.52 6.44
N ARG D 138 22.24 30.20 6.36
CA ARG D 138 22.48 29.34 7.52
C ARG D 138 23.96 29.21 7.87
N GLU D 139 24.22 28.93 9.13
CA GLU D 139 25.57 28.68 9.61
C GLU D 139 26.08 27.32 9.13
N TRP D 140 25.24 26.30 9.22
CA TRP D 140 25.59 24.94 8.83
C TRP D 140 24.57 24.39 7.83
N LEU D 141 24.95 23.33 7.12
CA LEU D 141 24.09 22.76 6.08
C LEU D 141 22.76 22.24 6.62
N ILE D 142 22.77 21.63 7.80
CA ILE D 142 21.56 21.09 8.41
C ILE D 142 21.47 21.50 9.87
N GLY D 143 20.32 22.04 10.26
CA GLY D 143 20.06 22.39 11.66
C GLY D 143 20.86 23.58 12.14
N ASN D 144 21.05 23.66 13.45
N ASN D 144 21.04 23.69 13.45
CA ASN D 144 21.71 24.77 14.13
CA ASN D 144 21.76 24.82 14.04
C ASN D 144 23.15 24.48 14.57
C ASN D 144 23.12 24.44 14.62
N SER D 145 23.69 23.34 14.15
CA SER D 145 25.03 22.92 14.58
C SER D 145 25.68 22.00 13.56
N VAL D 146 26.99 21.83 13.68
CA VAL D 146 27.77 21.01 12.75
C VAL D 146 27.27 19.56 12.70
N THR D 147 27.17 19.02 11.49
CA THR D 147 26.86 17.62 11.27
C THR D 147 27.94 17.03 10.37
N TRP D 148 27.91 15.71 10.20
CA TRP D 148 28.89 15.05 9.34
C TRP D 148 28.65 15.35 7.84
N ALA D 149 27.53 15.99 7.52
CA ALA D 149 27.28 16.52 6.18
C ALA D 149 28.21 17.71 5.90
N ASP D 150 28.43 18.55 6.90
CA ASP D 150 29.35 19.67 6.79
C ASP D 150 30.78 19.17 6.58
N PHE D 151 31.14 18.13 7.34
CA PHE D 151 32.41 17.43 7.16
C PHE D 151 32.56 16.94 5.73
N TYR D 152 31.53 16.28 5.21
CA TYR D 152 31.58 15.70 3.88
C TYR D 152 31.72 16.76 2.79
N TRP D 153 31.03 17.89 2.97
CA TRP D 153 31.20 19.03 2.05
C TRP D 153 32.66 19.48 1.99
N GLU D 154 33.26 19.65 3.16
CA GLU D 154 34.65 20.09 3.26
C GLU D 154 35.59 19.09 2.59
N ILE D 155 35.32 17.80 2.81
CA ILE D 155 36.13 16.72 2.22
C ILE D 155 35.99 16.70 0.70
N CYS D 156 34.75 16.70 0.21
CA CYS D 156 34.51 16.62 -1.23
C CYS D 156 35.04 17.85 -1.95
N SER D 157 34.82 19.04 -1.37
CA SER D 157 35.26 20.29 -1.98
C SER D 157 36.78 20.40 -2.09
N THR D 158 37.48 19.85 -1.10
CA THR D 158 38.95 19.81 -1.11
C THR D 158 39.47 19.06 -2.34
N THR D 159 38.89 17.90 -2.62
CA THR D 159 39.28 17.10 -3.78
C THR D 159 38.89 17.75 -5.10
N LEU D 160 37.69 18.32 -5.17
CA LEU D 160 37.23 19.02 -6.37
C LEU D 160 38.10 20.25 -6.69
N LEU D 161 38.55 20.95 -5.64
CA LEU D 161 39.41 22.13 -5.80
C LEU D 161 40.80 21.78 -6.36
N VAL D 162 41.28 20.57 -6.12
CA VAL D 162 42.55 20.11 -6.69
C VAL D 162 42.50 20.11 -8.21
N PHE D 163 41.38 19.64 -8.77
CA PHE D 163 41.20 19.58 -10.22
C PHE D 163 40.61 20.85 -10.80
N LYS D 164 39.81 21.56 -10.00
CA LYS D 164 39.17 22.81 -10.44
C LYS D 164 39.35 23.89 -9.38
N PRO D 165 40.53 24.55 -9.38
CA PRO D 165 40.86 25.58 -8.38
C PRO D 165 39.87 26.75 -8.25
N ASP D 166 39.12 27.04 -9.32
CA ASP D 166 38.18 28.17 -9.32
C ASP D 166 36.75 27.80 -8.91
N LEU D 167 36.58 26.58 -8.38
CA LEU D 167 35.26 26.03 -8.04
C LEU D 167 34.38 26.98 -7.22
N LEU D 168 34.98 27.60 -6.20
CA LEU D 168 34.23 28.41 -5.24
C LEU D 168 34.58 29.90 -5.29
N ASP D 169 35.14 30.36 -6.40
CA ASP D 169 35.54 31.77 -6.53
C ASP D 169 34.35 32.74 -6.41
N ASN D 170 33.16 32.30 -6.81
CA ASN D 170 31.95 33.12 -6.73
C ASN D 170 30.93 32.57 -5.72
N HIS D 171 31.40 31.79 -4.75
CA HIS D 171 30.54 31.18 -3.72
C HIS D 171 31.17 31.34 -2.34
N PRO D 172 31.31 32.59 -1.86
CA PRO D 172 31.97 32.86 -0.59
C PRO D 172 31.31 32.18 0.63
N ARG D 173 30.00 31.92 0.57
CA ARG D 173 29.30 31.25 1.67
C ARG D 173 29.66 29.77 1.76
N LEU D 174 29.96 29.14 0.64
CA LEU D 174 30.46 27.76 0.64
C LEU D 174 31.91 27.69 1.12
N VAL D 175 32.69 28.73 0.82
CA VAL D 175 34.05 28.85 1.34
C VAL D 175 34.01 29.04 2.86
N THR D 176 33.09 29.88 3.32
CA THR D 176 32.90 30.11 4.75
C THR D 176 32.62 28.81 5.50
N LEU D 177 31.78 27.95 4.92
CA LEU D 177 31.46 26.67 5.51
C LEU D 177 32.72 25.79 5.65
N ARG D 178 33.56 25.76 4.62
CA ARG D 178 34.83 25.04 4.68
C ARG D 178 35.70 25.54 5.84
N LYS D 179 35.84 26.86 5.94
CA LYS D 179 36.59 27.51 7.02
C LYS D 179 36.09 27.08 8.40
N LYS D 180 34.76 27.05 8.55
CA LYS D 180 34.12 26.68 9.80
C LYS D 180 34.49 25.26 10.23
N VAL D 181 34.46 24.33 9.27
CA VAL D 181 34.82 22.94 9.54
C VAL D 181 36.31 22.82 9.86
N GLN D 182 37.16 23.50 9.09
CA GLN D 182 38.60 23.47 9.29
C GLN D 182 39.04 24.18 10.58
N ALA D 183 38.17 25.04 11.12
CA ALA D 183 38.45 25.78 12.36
C ALA D 183 38.19 24.94 13.62
N ILE D 184 37.50 23.81 13.47
CA ILE D 184 37.25 22.92 14.59
C ILE D 184 38.60 22.32 15.02
N PRO D 185 38.96 22.45 16.30
CA PRO D 185 40.28 21.99 16.77
C PRO D 185 40.63 20.55 16.38
N ALA D 186 39.71 19.61 16.60
CA ALA D 186 39.95 18.20 16.28
C ALA D 186 40.19 17.98 14.79
N VAL D 187 39.44 18.70 13.96
CA VAL D 187 39.58 18.61 12.50
C VAL D 187 40.88 19.29 12.07
N ALA D 188 41.10 20.50 12.56
CA ALA D 188 42.32 21.26 12.28
C ALA D 188 43.57 20.43 12.62
N ASN D 189 43.53 19.76 13.76
CA ASN D 189 44.61 18.90 14.22
C ASN D 189 44.86 17.74 13.26
N TRP D 190 43.79 17.09 12.80
CA TRP D 190 43.91 15.98 11.86
C TRP D 190 44.47 16.44 10.51
N ILE D 191 43.95 17.56 9.99
CA ILE D 191 44.42 18.10 8.71
C ILE D 191 45.92 18.40 8.74
N LYS D 192 46.41 18.85 9.88
CA LYS D 192 47.82 19.17 10.06
C LYS D 192 48.72 17.93 10.03
N ARG D 193 48.24 16.85 10.65
CA ARG D 193 49.06 15.63 10.85
C ARG D 193 48.88 14.56 9.77
N ARG D 194 47.78 14.60 9.02
CA ARG D 194 47.50 13.55 8.03
C ARG D 194 48.53 13.52 6.91
N PRO D 195 48.78 12.34 6.32
CA PRO D 195 49.71 12.29 5.18
C PRO D 195 49.27 13.21 4.04
N GLN D 196 50.21 13.97 3.48
CA GLN D 196 49.90 14.90 2.40
C GLN D 196 49.74 14.13 1.10
N THR D 197 48.52 14.17 0.53
CA THR D 197 48.21 13.50 -0.72
C THR D 197 47.37 14.39 -1.63
N LYS D 198 47.43 14.14 -2.93
CA LYS D 198 46.61 14.85 -3.90
C LYS D 198 45.14 14.49 -3.70
N LEU D 199 44.86 13.18 -3.64
CA LEU D 199 43.49 12.67 -3.47
C LEU D 199 43.27 12.11 -2.08
C1 CWC E . -35.83 -5.16 19.92
N2 CWC E . -34.73 -4.69 19.11
C3 CWC E . -34.08 -3.62 19.85
C4 CWC E . -33.78 -5.78 19.02
C5 CWC E . -33.60 -6.16 17.56
C6 CWC E . -32.26 -6.83 17.39
C7 CWC E . -32.42 -8.12 16.66
O8 CWC E . -33.29 -8.95 16.95
N9 CWC E . -31.47 -8.23 15.68
C10 CWC E . -31.16 -9.42 15.00
C11 CWC E . -30.60 -9.32 13.75
C12 CWC E . -30.27 -10.48 13.07
C13 CWC E . -30.52 -11.68 13.71
N14 CWC E . -31.05 -11.81 14.92
C15 CWC E . -31.36 -10.67 15.55
C16 CWC E . -29.68 -10.39 11.76
C17 CWC E . -30.17 -9.56 10.78
C18 CWC E . -29.60 -9.46 9.53
C19 CWC E . -28.49 -10.18 9.18
C20 CWC E . -28.00 -11.01 10.16
C21 CWC E . -28.55 -11.13 11.42
C22 CWC E . -27.75 -12.07 12.12
C23 CWC E . -26.75 -12.50 11.29
N24 CWC E . -26.92 -11.85 10.11
N1 GSH F . -26.43 -3.52 7.35
CA1 GSH F . -26.14 -3.08 8.75
C1 GSH F . -25.09 -3.95 9.37
O11 GSH F . -24.97 -5.14 8.97
O12 GSH F . -24.35 -3.48 10.24
CB1 GSH F . -27.45 -3.06 9.54
CG1 GSH F . -27.25 -2.72 11.02
CD1 GSH F . -28.59 -2.60 11.73
OE1 GSH F . -29.55 -2.13 11.15
N2 GSH F . -28.61 -2.98 13.01
CA2 GSH F . -29.80 -2.85 13.83
C2 GSH F . -29.94 -1.42 14.27
O2 GSH F . -29.02 -0.87 14.86
CB2 GSH F . -29.70 -3.78 15.04
SG2 GSH F . -29.43 -5.51 14.56
N3 GSH F . -31.07 -0.77 13.95
CA3 GSH F . -31.28 0.65 14.20
C3 GSH F . -32.33 0.90 15.25
O31 GSH F . -32.11 1.76 16.13
O32 GSH F . -33.40 0.25 15.20
C1 CWC G . -39.54 -7.23 -13.63
N2 CWC G . -39.39 -6.25 -12.56
C3 CWC G . -40.47 -6.47 -11.62
C4 CWC G . -38.13 -6.55 -11.88
C5 CWC G . -37.24 -5.33 -11.94
C6 CWC G . -36.53 -5.15 -10.62
C7 CWC G . -36.10 -3.72 -10.50
O8 CWC G . -36.82 -2.79 -10.80
N9 CWC G . -34.82 -3.65 -10.00
C10 CWC G . -34.26 -2.49 -9.44
C11 CWC G . -33.37 -2.60 -8.39
C12 CWC G . -32.81 -1.46 -7.85
C13 CWC G . -33.21 -0.26 -8.39
N14 CWC G . -34.07 -0.11 -9.40
C15 CWC G . -34.57 -1.24 -9.90
C16 CWC G . -31.87 -1.55 -6.76
C17 CWC G . -32.08 -2.36 -5.67
C18 CWC G . -31.18 -2.46 -4.64
C19 CWC G . -29.99 -1.76 -4.63
C20 CWC G . -29.79 -0.96 -5.72
C21 CWC G . -30.68 -0.84 -6.77
C22 CWC G . -30.10 0.08 -7.68
C23 CWC G . -28.89 0.49 -7.17
N24 CWC G . -28.72 -0.16 -5.99
MG MG H . -26.21 -6.08 1.93
N1 GSH I . -28.29 -8.61 -3.25
CA1 GSH I . -28.42 -9.11 -4.64
C1 GSH I . -27.53 -8.31 -5.56
O11 GSH I . -27.21 -7.14 -5.24
O12 GSH I . -27.13 -8.85 -6.61
CB1 GSH I . -29.89 -9.07 -5.04
CG1 GSH I . -30.16 -9.48 -6.48
CD1 GSH I . -31.66 -9.43 -6.78
OE1 GSH I . -32.48 -9.69 -5.92
N2 GSH I . -32.00 -9.12 -8.04
CA2 GSH I . -33.36 -9.05 -8.51
C2 GSH I . -33.82 -10.36 -9.12
O2 GSH I . -33.00 -11.21 -9.43
CB2 GSH I . -33.50 -7.97 -9.57
SG2 GSH I . -32.97 -6.34 -9.00
N3 GSH I . -35.12 -10.48 -9.33
CA3 GSH I . -35.72 -11.61 -10.04
C3 GSH I . -36.06 -12.77 -9.13
O31 GSH I . -35.89 -12.67 -7.90
O32 GSH I . -36.53 -13.80 -9.67
C1 CWC J . 15.22 9.91 -20.12
N2 CWC J . 14.20 9.53 -19.16
C3 CWC J . 13.40 10.71 -18.92
C4 CWC J . 14.88 9.20 -17.92
C5 CWC J . 14.50 7.81 -17.48
C6 CWC J . 15.04 7.57 -16.10
C7 CWC J . 15.42 6.12 -15.94
O8 CWC J . 15.42 5.32 -16.86
N9 CWC J . 15.74 5.87 -14.63
C10 CWC J . 16.00 4.61 -14.10
C11 CWC J . 16.79 4.52 -12.97
C12 CWC J . 17.06 3.29 -12.42
C13 CWC J . 16.51 2.20 -13.04
N14 CWC J . 15.75 2.22 -14.14
C15 CWC J . 15.51 3.44 -14.64
C16 CWC J . 17.88 3.19 -11.23
C17 CWC J . 19.08 3.86 -11.10
C18 CWC J . 19.85 3.78 -9.98
C19 CWC J . 19.49 3.04 -8.88
C20 CWC J . 18.29 2.38 -9.01
C21 CWC J . 17.48 2.44 -10.14
C22 CWC J . 16.35 1.62 -9.87
C23 CWC J . 16.48 1.10 -8.60
N24 CWC J . 17.65 1.57 -8.11
N1 GSH K . 20.75 9.40 -6.03
CA1 GSH K . 19.53 10.11 -6.48
C1 GSH K . 18.31 9.40 -5.94
O11 GSH K . 18.38 8.18 -5.69
O12 GSH K . 17.27 10.06 -5.73
CB1 GSH K . 19.54 10.17 -8.01
CG1 GSH K . 18.38 10.97 -8.60
CD1 GSH K . 18.47 11.00 -10.11
OE1 GSH K . 19.54 11.20 -10.68
N2 GSH K . 17.32 10.80 -10.78
CA2 GSH K . 17.19 10.86 -12.23
C2 GSH K . 16.86 12.25 -12.70
O2 GSH K . 16.44 13.08 -11.91
CB2 GSH K . 16.07 9.94 -12.70
SG2 GSH K . 16.29 8.20 -12.24
N3 GSH K . 16.99 12.47 -14.01
CA3 GSH K . 16.57 13.71 -14.65
C3 GSH K . 17.70 14.66 -14.96
O31 GSH K . 17.40 15.78 -15.43
O32 GSH K . 18.88 14.31 -14.74
C1 CWC L . 42.53 2.16 -8.57
N2 CWC L . 42.96 3.50 -8.18
C3 CWC L . 44.41 3.51 -8.29
C4 CWC L . 42.62 3.65 -6.77
C5 CWC L . 42.39 5.12 -6.49
C6 CWC L . 40.92 5.45 -6.55
C7 CWC L . 40.76 6.89 -6.15
O8 CWC L . 41.47 7.78 -6.59
N9 CWC L . 39.73 7.04 -5.26
C10 CWC L . 39.08 8.26 -5.02
C11 CWC L . 37.75 8.27 -4.67
C12 CWC L . 37.12 9.47 -4.43
C13 CWC L . 37.89 10.61 -4.55
N14 CWC L . 39.18 10.65 -4.89
C15 CWC L . 39.75 9.47 -5.10
C16 CWC L . 35.73 9.52 -4.06
C17 CWC L . 34.77 8.83 -4.75
C18 CWC L . 33.44 8.85 -4.40
C19 CWC L . 32.99 9.57 -3.32
C20 CWC L . 33.95 10.26 -2.63
C21 CWC L . 35.30 10.26 -2.96
C22 CWC L . 35.95 11.07 -2.01
C23 CWC L . 35.02 11.56 -1.13
N24 CWC L . 33.81 11.05 -1.52
MG MG M . 25.02 6.36 -3.18
N1 GSH N . 30.14 3.14 -2.38
CA1 GSH N . 31.39 2.53 -1.86
C1 GSH N . 31.92 3.34 -0.70
O11 GSH N . 32.60 2.75 0.17
O12 GSH N . 31.67 4.56 -0.63
CB1 GSH N . 32.39 2.43 -3.02
CG1 GSH N . 33.70 1.76 -2.63
CD1 GSH N . 34.65 1.73 -3.80
OE1 GSH N . 34.23 1.51 -4.92
N2 GSH N . 35.94 1.96 -3.52
CA2 GSH N . 36.97 1.97 -4.55
C2 GSH N . 37.39 0.58 -4.94
O2 GSH N . 37.65 -0.24 -4.06
CB2 GSH N . 38.19 2.73 -4.07
SG2 GSH N . 37.87 4.49 -3.86
N3 GSH N . 37.47 0.34 -6.25
CA3 GSH N . 37.95 -0.92 -6.81
C3 GSH N . 39.22 -0.66 -7.59
O31 GSH N . 40.14 -0.01 -7.04
O32 GSH N . 39.31 -1.09 -8.77
#